data_9PED
#
_entry.id   9PED
#
_cell.length_a   1.00
_cell.length_b   1.00
_cell.length_c   1.00
_cell.angle_alpha   90.00
_cell.angle_beta   90.00
_cell.angle_gamma   90.00
#
_symmetry.space_group_name_H-M   'P 1'
#
loop_
_entity.id
_entity.type
_entity.pdbx_description
1 polymer 'DNA (cytosine-5)-methyltransferase 1'
2 polymer "DNA (5'-D(*AP*CP*TP*TP*AP*(5CM)P*GP*GP*AP*AP*GP*G)-3')"
3 polymer "DNA (5'-D(*CP*CP*TP*TP*CP*(C49)P*GP*TP*AP*AP*GP*T)-3')"
4 non-polymer 'ZINC ION'
#
loop_
_entity_poly.entity_id
_entity_poly.type
_entity_poly.pdbx_seq_one_letter_code
_entity_poly.pdbx_strand_id
1 'polypeptide(L)'
;SKAMQATTTRLVNRIWGEFYSNYSPEDPLQATAAENGEDEVEEEGGNGEEEVEEEGENGLTEDTVPEPVEVQKPHTPKKI
RGSSGKREIKWDGESLGKTSAGEPLYQQALVGGEMVAVGGAVTLEVDDPDEMPAIYFVEYMFESTDHCKMLHGRFLQRGS
MTVLGNAANERELFLTNECMTTQLKDIKGVASFEIRSRPWGHQYRKKNITADKLDWARALERKVKDLPTEYYCKSLYSPE
RGGFFSLPLSDIGRSSGFCTSCKIREDEEKRSTIKLNVSKTGFFINGIEYSVEDFVYVNPDSIGGLKEGSKTSFKSGRNI
GLRAYVVCQLLEIVPKESRKADLGSFDVKVRRFYRPEDVSAEKAYASDIQELYFSQDTVVLPPGALEGKCEVRKKSDMPL
SREYPISDHIFFCDLFFDTSKGSLKQLPANMKPKFSTIKDDTLLRKKKGKGVESEIESEIVKPVEPPKEIRLATLDIFAG
CGGLSHGLKKAGVSDAKWAIEYEEPAGQAFKQNHPESTVFVDNCNVILRAIMEKGGDQDDCVSTTEANELAAKLTEEQKS
TLPLPGQVDFINGGPPCQGFSGMNRFNQSSWSKVQCEMILAFLSFADYFRPRYFLLENVRTFVSFNKGQTFQLTLASLLE
MGYQVRFGILEAGAYGVSQSRKRAFIWAAAPEEVLPEWPEPMHVFGVPKLKISLSQGLHYAAVRSTALGAPFRPITVRDT
IGDLPSVENGDSRTNKEYKEVAVSWFQKEIRGNTIALTDHICKAMNELNLIRCKLIPTRPGADWHDLPKRKVTLSDGRVE
EMIPFCLPNTAERHNGWKGLYGRLDWQGNFPTSVTDPQPMGKVGMCFHPEQHRILTVRECARSQGFPDSYEFAGNINHKH
RQIGNAVPPPLAFALGRKLKEALHLKKSPQHQP
;
A
2 'polydeoxyribonucleotide' (DA)(DC)(DT)(DT)(DA)(5CM)(DG)(DG)(DA)(DA)(DG)(DG) C
3 'polydeoxyribonucleotide' (DC)(DC)(DT)(DT)(DC)(A1BT7)(DG)(DT)(DA)(DA)(DG)(DT) D
#
loop_
_chem_comp.id
_chem_comp.type
_chem_comp.name
_chem_comp.formula
5CM DNA linking 5-METHYL-2'-DEOXY-CYTIDINE-5'-MONOPHOSPHATE 'C10 H16 N3 O7 P'
A1BT7 non-polymer '2'-deoxy-5-fluoro-5-methyl-5,6-dihydrocytidine 5'-(dihydrogen phosphate)' 'C10 H17 F N3 O7 P'
DA DNA linking 2'-DEOXYADENOSINE-5'-MONOPHOSPHATE 'C10 H14 N5 O6 P'
DC DNA linking 2'-DEOXYCYTIDINE-5'-MONOPHOSPHATE 'C9 H14 N3 O7 P'
DG DNA linking 2'-DEOXYGUANOSINE-5'-MONOPHOSPHATE 'C10 H14 N5 O7 P'
DT DNA linking THYMIDINE-5'-MONOPHOSPHATE 'C10 H15 N2 O8 P'
ZN non-polymer 'ZINC ION' 'Zn 2'
#
# COMPACT_ATOMS: atom_id res chain seq x y z
N MET A 4 6.73 3.65 28.73
CA MET A 4 7.18 2.56 27.87
C MET A 4 7.91 3.09 26.65
N GLN A 5 9.07 3.69 26.87
CA GLN A 5 9.88 4.19 25.77
C GLN A 5 10.34 3.05 24.88
N ALA A 6 10.26 3.26 23.57
CA ALA A 6 10.62 2.23 22.61
C ALA A 6 12.13 1.97 22.64
N THR A 7 12.51 0.71 22.46
CA THR A 7 13.91 0.31 22.38
C THR A 7 14.35 0.42 20.92
N THR A 8 15.39 1.22 20.68
CA THR A 8 15.82 1.55 19.33
C THR A 8 17.33 1.40 19.20
N THR A 9 17.76 1.19 17.96
CA THR A 9 19.17 1.12 17.63
C THR A 9 19.76 2.53 17.51
N ARG A 10 21.05 2.59 17.20
CA ARG A 10 21.73 3.88 17.16
C ARG A 10 21.37 4.68 15.91
N LEU A 11 21.20 3.99 14.77
CA LEU A 11 20.94 4.68 13.51
C LEU A 11 19.62 5.44 13.57
N VAL A 12 18.54 4.76 13.95
CA VAL A 12 17.23 5.40 13.99
C VAL A 12 17.20 6.49 15.06
N ASN A 13 17.85 6.25 16.19
CA ASN A 13 17.90 7.26 17.25
C ASN A 13 18.60 8.52 16.76
N ARG A 14 19.69 8.38 16.02
CA ARG A 14 20.37 9.56 15.50
C ARG A 14 19.53 10.25 14.43
N ILE A 15 18.84 9.47 13.59
CA ILE A 15 18.04 10.05 12.52
C ILE A 15 16.89 10.88 13.08
N TRP A 16 16.21 10.36 14.10
CA TRP A 16 15.02 11.02 14.65
C TRP A 16 15.37 12.01 15.77
N GLY A 17 16.56 12.60 15.74
CA GLY A 17 16.93 13.57 16.75
C GLY A 17 16.11 14.85 16.65
N GLU A 18 16.14 15.62 17.74
CA GLU A 18 15.32 16.84 17.87
C GLU A 18 13.85 16.53 17.65
N PHE A 19 13.42 15.36 18.15
CA PHE A 19 12.08 14.85 17.91
C PHE A 19 11.90 13.62 18.78
N TYR A 20 10.68 13.38 19.23
CA TYR A 20 10.35 12.23 20.07
C TYR A 20 11.14 12.27 21.38
N SER A 21 11.13 11.16 22.11
CA SER A 21 11.83 11.04 23.39
C SER A 21 12.74 9.82 23.36
N ASN A 22 13.29 9.49 24.53
CA ASN A 22 14.21 8.36 24.70
C ASN A 22 15.41 8.48 23.75
N TYR A 23 15.95 9.70 23.65
CA TYR A 23 17.08 9.98 22.78
C TYR A 23 18.28 10.38 23.63
N SER A 24 19.42 9.74 23.38
CA SER A 24 20.64 10.02 24.11
C SER A 24 21.70 10.56 23.14
N PRO A 25 22.32 11.69 23.45
CA PRO A 25 23.31 12.27 22.51
C PRO A 25 24.70 11.68 22.67
N GLU A 26 24.79 10.51 23.32
CA GLU A 26 26.06 9.83 23.53
C GLU A 26 26.78 9.55 22.21
N ARG A 87 37.58 30.95 -18.91
CA ARG A 87 37.68 31.76 -20.13
C ARG A 87 38.02 30.90 -21.34
N GLU A 88 39.11 30.15 -21.23
CA GLU A 88 39.59 29.31 -22.33
C GLU A 88 39.22 27.85 -22.07
N ILE A 89 38.67 27.20 -23.10
CA ILE A 89 38.26 25.81 -23.03
C ILE A 89 38.99 25.04 -24.10
N LYS A 90 39.64 23.94 -23.73
CA LYS A 90 40.39 23.14 -24.67
C LYS A 90 40.10 21.66 -24.46
N TRP A 91 40.30 20.88 -25.51
CA TRP A 91 40.17 19.44 -25.43
C TRP A 91 41.46 18.83 -24.88
N ASP A 92 41.32 17.77 -24.09
CA ASP A 92 42.46 17.05 -23.53
C ASP A 92 42.35 15.58 -23.90
N GLY A 93 43.44 15.02 -24.43
CA GLY A 93 43.46 13.65 -24.87
C GLY A 93 43.24 13.52 -26.37
N GLU A 94 42.85 12.32 -26.78
CA GLU A 94 42.62 11.99 -28.17
C GLU A 94 41.18 11.54 -28.37
N SER A 95 40.74 11.55 -29.62
CA SER A 95 39.38 11.14 -29.95
C SER A 95 39.22 9.63 -29.76
N LEU A 96 37.99 9.21 -29.49
CA LEU A 96 37.69 7.80 -29.27
C LEU A 96 36.70 7.23 -30.26
N GLY A 97 36.01 8.06 -31.04
CA GLY A 97 35.04 7.57 -31.99
C GLY A 97 34.19 8.69 -32.52
N LYS A 98 33.10 8.30 -33.18
CA LYS A 98 32.16 9.24 -33.77
C LYS A 98 30.73 8.81 -33.44
N THR A 99 29.83 9.79 -33.40
CA THR A 99 28.43 9.54 -33.09
C THR A 99 27.73 8.97 -34.32
N SER A 100 26.40 8.85 -34.25
CA SER A 100 25.63 8.35 -35.39
C SER A 100 25.75 9.30 -36.57
N ALA A 101 25.69 10.61 -36.33
CA ALA A 101 25.77 11.58 -37.41
C ALA A 101 27.20 11.85 -37.86
N GLY A 102 28.20 11.45 -37.06
CA GLY A 102 29.59 11.51 -37.46
C GLY A 102 30.45 12.50 -36.71
N GLU A 103 29.94 13.20 -35.71
CA GLU A 103 30.76 14.13 -34.96
C GLU A 103 31.70 13.38 -34.03
N PRO A 104 32.95 13.80 -33.92
CA PRO A 104 33.86 13.16 -32.96
C PRO A 104 33.43 13.43 -31.53
N LEU A 105 33.66 12.43 -30.67
CA LEU A 105 33.30 12.51 -29.26
C LEU A 105 34.56 12.31 -28.42
N TYR A 106 34.71 13.15 -27.41
CA TYR A 106 35.88 13.12 -26.53
C TYR A 106 35.46 12.68 -25.13
N GLN A 107 36.43 12.67 -24.22
CA GLN A 107 36.19 12.23 -22.84
C GLN A 107 36.43 13.34 -21.83
N GLN A 108 37.58 14.00 -21.86
CA GLN A 108 37.92 15.04 -20.91
C GLN A 108 38.01 16.40 -21.61
N ALA A 109 38.08 17.45 -20.80
CA ALA A 109 38.20 18.80 -21.31
C ALA A 109 38.72 19.70 -20.20
N LEU A 110 39.62 20.62 -20.57
CA LEU A 110 40.18 21.58 -19.63
C LEU A 110 39.40 22.89 -19.73
N VAL A 111 38.85 23.34 -18.61
CA VAL A 111 38.06 24.57 -18.53
C VAL A 111 38.68 25.39 -17.41
N GLY A 112 39.49 26.38 -17.76
CA GLY A 112 40.10 27.25 -16.77
C GLY A 112 40.94 26.52 -15.74
N GLY A 113 41.72 25.52 -16.18
CA GLY A 113 42.52 24.74 -15.27
C GLY A 113 41.80 23.63 -14.55
N GLU A 114 40.55 23.35 -14.91
CA GLU A 114 39.75 22.32 -14.27
C GLU A 114 39.34 21.28 -15.30
N MET A 115 39.52 20.01 -14.96
CA MET A 115 39.16 18.92 -15.85
C MET A 115 37.70 18.53 -15.67
N VAL A 116 37.01 18.30 -16.78
CA VAL A 116 35.60 17.90 -16.77
C VAL A 116 35.53 16.58 -17.52
N ALA A 117 35.63 15.48 -16.79
CA ALA A 117 35.61 14.14 -17.37
C ALA A 117 34.21 13.55 -17.25
N VAL A 118 33.99 12.48 -18.01
CA VAL A 118 32.71 11.78 -17.97
C VAL A 118 32.54 11.11 -16.61
N GLY A 119 31.40 11.33 -15.99
CA GLY A 119 31.16 10.86 -14.65
C GLY A 119 31.30 11.91 -13.56
N GLY A 120 31.32 13.19 -13.91
CA GLY A 120 31.45 14.25 -12.94
C GLY A 120 30.23 15.14 -12.86
N ALA A 121 30.32 16.21 -12.08
CA ALA A 121 29.21 17.13 -11.87
C ALA A 121 29.59 18.52 -12.34
N VAL A 122 28.73 19.12 -13.17
CA VAL A 122 28.92 20.47 -13.66
C VAL A 122 27.77 21.34 -13.13
N THR A 123 28.12 22.52 -12.63
CA THR A 123 27.14 23.46 -12.10
C THR A 123 26.92 24.58 -13.12
N LEU A 124 25.66 24.80 -13.48
CA LEU A 124 25.25 25.80 -14.43
C LEU A 124 24.98 27.12 -13.71
N GLU A 125 24.34 28.06 -14.41
CA GLU A 125 23.87 29.30 -13.82
C GLU A 125 22.40 29.47 -14.16
N VAL A 126 21.60 29.89 -13.17
CA VAL A 126 20.16 30.01 -13.33
C VAL A 126 19.71 31.35 -12.78
N ASP A 127 18.50 31.75 -13.16
CA ASP A 127 17.94 33.02 -12.71
C ASP A 127 17.60 32.95 -11.22
N ASP A 128 17.03 34.04 -10.71
CA ASP A 128 16.76 34.18 -9.28
C ASP A 128 18.04 33.95 -8.48
N PRO A 129 18.98 34.90 -8.48
CA PRO A 129 20.31 34.64 -7.95
C PRO A 129 20.34 34.19 -6.50
N ASP A 130 19.26 34.40 -5.74
CA ASP A 130 19.20 33.85 -4.39
C ASP A 130 19.17 32.33 -4.41
N GLU A 131 18.62 31.74 -5.46
CA GLU A 131 18.54 30.28 -5.56
C GLU A 131 19.91 29.69 -5.88
N MET A 132 20.05 28.39 -5.60
CA MET A 132 21.28 27.68 -5.86
C MET A 132 21.30 27.13 -7.29
N PRO A 133 22.48 27.04 -7.90
CA PRO A 133 22.56 26.54 -9.27
C PRO A 133 22.27 25.06 -9.36
N ALA A 134 21.85 24.63 -10.56
CA ALA A 134 21.56 23.23 -10.80
C ALA A 134 22.86 22.44 -11.00
N ILE A 135 22.75 21.13 -10.85
CA ILE A 135 23.88 20.21 -10.97
C ILE A 135 23.55 19.17 -12.04
N TYR A 136 24.54 18.88 -12.89
CA TYR A 136 24.33 17.98 -14.01
C TYR A 136 25.44 16.95 -14.06
N PHE A 137 25.06 15.70 -14.26
CA PHE A 137 25.98 14.58 -14.40
C PHE A 137 26.31 14.40 -15.88
N VAL A 138 27.60 14.43 -16.20
CA VAL A 138 28.03 14.48 -17.60
C VAL A 138 27.95 13.09 -18.20
N GLU A 139 27.26 12.96 -19.34
CA GLU A 139 27.18 11.70 -20.06
C GLU A 139 28.26 11.60 -21.13
N TYR A 140 28.30 12.56 -22.04
CA TYR A 140 29.31 12.58 -23.10
C TYR A 140 29.51 14.00 -23.58
N MET A 141 30.65 14.22 -24.23
CA MET A 141 30.99 15.50 -24.83
C MET A 141 31.41 15.29 -26.27
N PHE A 142 31.04 16.24 -27.14
CA PHE A 142 31.40 16.16 -28.54
C PHE A 142 31.37 17.55 -29.15
N GLU A 143 32.01 17.67 -30.31
CA GLU A 143 32.14 18.95 -31.01
C GLU A 143 31.22 18.96 -32.22
N SER A 144 30.42 20.01 -32.34
CA SER A 144 29.48 20.12 -33.43
C SER A 144 30.20 20.46 -34.74
N THR A 145 29.48 20.32 -35.85
CA THR A 145 30.04 20.64 -37.15
C THR A 145 30.40 22.11 -37.27
N ASP A 146 29.77 22.97 -36.48
CA ASP A 146 30.04 24.41 -36.49
C ASP A 146 31.19 24.80 -35.57
N HIS A 147 32.08 23.85 -35.24
CA HIS A 147 33.25 24.11 -34.42
C HIS A 147 32.87 24.71 -33.07
N CYS A 148 31.80 24.20 -32.48
CA CYS A 148 31.35 24.60 -31.15
C CYS A 148 31.38 23.40 -30.22
N LYS A 149 31.65 23.66 -28.95
CA LYS A 149 31.78 22.61 -27.95
C LYS A 149 30.44 22.31 -27.33
N MET A 150 30.18 21.03 -27.09
CA MET A 150 28.87 20.56 -26.67
C MET A 150 29.04 19.54 -25.55
N LEU A 151 27.99 19.37 -24.75
CA LEU A 151 28.00 18.34 -23.71
C LEU A 151 26.56 17.96 -23.36
N HIS A 152 26.38 16.71 -22.97
CA HIS A 152 25.10 16.17 -22.55
C HIS A 152 25.12 15.93 -21.05
N GLY A 153 24.08 16.39 -20.37
CA GLY A 153 24.01 16.29 -18.93
C GLY A 153 22.67 15.77 -18.46
N ARG A 154 22.70 15.10 -17.30
CA ARG A 154 21.51 14.60 -16.63
C ARG A 154 21.29 15.39 -15.35
N PHE A 155 20.06 15.84 -15.13
CA PHE A 155 19.75 16.67 -13.97
C PHE A 155 19.92 15.86 -12.69
N LEU A 156 20.50 16.50 -11.67
CA LEU A 156 20.67 15.88 -10.35
C LEU A 156 19.80 16.64 -9.36
N GLN A 157 18.69 16.03 -8.95
CA GLN A 157 17.78 16.67 -8.02
C GLN A 157 18.37 16.72 -6.62
N ARG A 158 18.20 17.85 -5.95
CA ARG A 158 18.63 18.01 -4.57
C ARG A 158 17.64 17.34 -3.62
N GLY A 159 18.14 17.00 -2.44
CA GLY A 159 17.29 16.32 -1.47
C GLY A 159 16.16 17.19 -0.94
N SER A 160 16.44 18.49 -0.75
CA SER A 160 15.44 19.37 -0.16
C SER A 160 14.23 19.56 -1.06
N MET A 161 14.41 19.45 -2.38
CA MET A 161 13.32 19.64 -3.33
C MET A 161 12.58 18.35 -3.65
N THR A 162 12.61 17.38 -2.76
CA THR A 162 11.98 16.09 -2.95
C THR A 162 10.86 15.90 -1.94
N VAL A 163 10.26 14.71 -1.95
CA VAL A 163 9.23 14.38 -0.98
C VAL A 163 9.81 14.29 0.43
N LEU A 164 11.13 14.12 0.56
CA LEU A 164 11.74 14.02 1.88
C LEU A 164 11.56 15.31 2.68
N GLY A 165 11.54 16.46 2.01
CA GLY A 165 11.31 17.70 2.71
C GLY A 165 12.49 18.07 3.60
N ASN A 166 12.19 18.37 4.87
CA ASN A 166 13.21 18.81 5.82
C ASN A 166 14.08 17.67 6.33
N ALA A 167 13.71 16.41 6.08
CA ALA A 167 14.46 15.28 6.60
C ALA A 167 15.62 14.86 5.70
N ALA A 168 15.71 15.40 4.49
CA ALA A 168 16.76 15.00 3.57
C ALA A 168 18.12 15.55 4.02
N ASN A 169 19.18 14.89 3.56
CA ASN A 169 20.53 15.28 3.89
C ASN A 169 21.04 16.34 2.91
N GLU A 170 22.10 17.04 3.33
CA GLU A 170 22.62 18.13 2.52
C GLU A 170 23.39 17.62 1.31
N ARG A 171 24.19 16.57 1.48
CA ARG A 171 25.12 16.11 0.45
C ARG A 171 24.57 15.00 -0.42
N GLU A 172 23.30 14.64 -0.27
CA GLU A 172 22.70 13.56 -1.04
C GLU A 172 21.95 14.14 -2.24
N LEU A 173 22.29 13.67 -3.43
CA LEU A 173 21.61 14.03 -4.66
C LEU A 173 20.96 12.79 -5.26
N PHE A 174 19.99 13.01 -6.15
CA PHE A 174 19.24 11.91 -6.74
C PHE A 174 19.20 12.05 -8.24
N LEU A 175 19.49 10.97 -8.95
CA LEU A 175 19.40 10.98 -10.41
C LEU A 175 17.95 11.08 -10.85
N THR A 176 17.74 11.74 -11.99
CA THR A 176 16.43 11.89 -12.60
C THR A 176 16.50 11.43 -14.04
N ASN A 177 15.35 11.46 -14.73
CA ASN A 177 15.25 11.04 -16.11
C ASN A 177 15.14 12.22 -17.08
N GLU A 178 15.53 13.41 -16.64
CA GLU A 178 15.49 14.62 -17.47
C GLU A 178 16.91 15.05 -17.80
N CYS A 179 17.20 15.23 -19.09
CA CYS A 179 18.54 15.56 -19.56
C CYS A 179 18.49 16.84 -20.37
N MET A 180 19.68 17.30 -20.75
CA MET A 180 19.84 18.57 -21.46
C MET A 180 21.15 18.52 -22.24
N THR A 181 21.30 19.49 -23.15
CA THR A 181 22.52 19.66 -23.91
C THR A 181 22.71 21.15 -24.19
N THR A 182 23.51 21.81 -23.36
CA THR A 182 23.81 23.23 -23.51
C THR A 182 25.28 23.43 -23.82
N GLN A 183 25.59 24.63 -24.33
CA GLN A 183 26.95 24.94 -24.74
C GLN A 183 27.90 24.86 -23.56
N LEU A 184 29.11 24.34 -23.82
CA LEU A 184 30.04 24.03 -22.73
C LEU A 184 30.60 25.29 -22.09
N LYS A 185 30.66 26.39 -22.83
CA LYS A 185 31.24 27.62 -22.28
C LYS A 185 30.37 28.19 -21.16
N ASP A 186 29.06 27.97 -21.21
CA ASP A 186 28.13 28.61 -20.29
C ASP A 186 28.11 27.97 -18.90
N ILE A 187 28.78 26.84 -18.69
CA ILE A 187 28.76 26.20 -17.38
C ILE A 187 29.45 27.10 -16.36
N LYS A 188 28.88 27.17 -15.16
CA LYS A 188 29.47 28.01 -14.12
C LYS A 188 30.73 27.38 -13.54
N GLY A 189 30.73 26.06 -13.32
CA GLY A 189 31.92 25.44 -12.78
C GLY A 189 31.76 23.94 -12.67
N VAL A 190 32.73 23.33 -12.01
CA VAL A 190 32.74 21.89 -11.76
C VAL A 190 32.63 21.67 -10.26
N ALA A 191 32.08 20.51 -9.89
CA ALA A 191 31.86 20.17 -8.50
C ALA A 191 32.26 18.72 -8.24
N SER A 192 32.68 18.46 -7.00
CA SER A 192 33.07 17.11 -6.61
C SER A 192 31.86 16.20 -6.61
N PHE A 193 32.03 14.99 -7.15
CA PHE A 193 30.92 14.05 -7.27
C PHE A 193 31.46 12.63 -7.32
N GLU A 194 30.75 11.72 -6.67
CA GLU A 194 31.12 10.31 -6.66
C GLU A 194 29.87 9.48 -6.47
N ILE A 195 29.95 8.21 -6.87
CA ILE A 195 28.84 7.27 -6.77
C ILE A 195 29.14 6.29 -5.64
N ARG A 196 28.17 6.09 -4.77
CA ARG A 196 28.30 5.20 -3.62
C ARG A 196 27.60 3.88 -3.93
N SER A 197 28.33 2.79 -3.80
CA SER A 197 27.79 1.45 -3.90
C SER A 197 28.48 0.57 -2.86
N ARG A 198 27.69 -0.08 -2.01
CA ARG A 198 28.22 -0.85 -0.91
C ARG A 198 27.67 -2.27 -0.95
N PRO A 199 28.43 -3.25 -0.44
CA PRO A 199 27.92 -4.62 -0.40
C PRO A 199 26.78 -4.75 0.58
N TRP A 200 25.88 -5.70 0.30
CA TRP A 200 24.71 -5.92 1.11
C TRP A 200 24.91 -7.12 2.03
N GLY A 201 24.39 -7.00 3.24
CA GLY A 201 24.48 -8.06 4.23
C GLY A 201 24.64 -7.49 5.62
N HIS A 202 24.25 -8.30 6.61
CA HIS A 202 24.34 -7.88 8.00
C HIS A 202 25.77 -7.90 8.53
N GLN A 203 26.60 -8.84 8.08
CA GLN A 203 27.95 -8.97 8.60
C GLN A 203 28.81 -7.74 8.32
N TYR A 204 28.46 -6.93 7.33
CA TYR A 204 29.19 -5.70 7.03
C TYR A 204 28.75 -4.52 7.88
N ARG A 205 27.63 -4.65 8.61
CA ARG A 205 26.99 -3.49 9.21
C ARG A 205 27.97 -2.66 10.03
N LYS A 206 28.66 -3.30 10.96
CA LYS A 206 29.60 -2.57 11.82
C LYS A 206 30.57 -1.76 10.99
N LYS A 207 31.23 -2.41 10.03
CA LYS A 207 32.17 -1.71 9.17
C LYS A 207 31.51 -0.47 8.57
N ASN A 208 30.32 -0.64 8.01
CA ASN A 208 29.62 0.47 7.37
C ASN A 208 29.55 1.66 8.31
N ILE A 209 29.08 1.44 9.54
CA ILE A 209 28.86 2.57 10.43
C ILE A 209 30.16 3.32 10.66
N THR A 210 31.26 2.57 10.86
CA THR A 210 32.55 3.23 11.06
C THR A 210 32.87 4.14 9.90
N ALA A 211 32.75 3.61 8.67
CA ALA A 211 33.01 4.43 7.50
C ALA A 211 32.16 5.69 7.54
N ASP A 212 30.85 5.52 7.79
CA ASP A 212 29.96 6.67 7.80
C ASP A 212 30.44 7.70 8.81
N LYS A 213 30.81 7.24 10.00
CA LYS A 213 31.30 8.16 11.02
C LYS A 213 32.43 9.01 10.47
N LEU A 214 33.44 8.35 9.90
CA LEU A 214 34.56 9.08 9.33
C LEU A 214 34.07 10.14 8.37
N ASP A 215 33.23 9.72 7.41
CA ASP A 215 32.74 10.65 6.40
C ASP A 215 32.15 11.87 7.08
N TRP A 216 31.24 11.64 8.04
CA TRP A 216 30.56 12.75 8.67
C TRP A 216 31.57 13.74 9.24
N ALA A 217 32.57 13.23 9.97
CA ALA A 217 33.54 14.11 10.58
C ALA A 217 34.18 15.01 9.54
N ARG A 218 34.64 14.41 8.44
CA ARG A 218 35.31 15.18 7.41
C ARG A 218 34.41 16.32 6.93
N ALA A 219 33.15 16.01 6.65
CA ALA A 219 32.24 17.03 6.15
C ALA A 219 32.17 18.21 7.10
N LEU A 220 32.09 17.94 8.40
CA LEU A 220 31.99 19.02 9.37
C LEU A 220 33.17 19.98 9.23
N GLU A 221 34.38 19.42 9.10
CA GLU A 221 35.56 20.28 8.99
C GLU A 221 35.44 21.22 7.81
N ARG A 222 34.94 20.71 6.69
CA ARG A 222 34.82 21.56 5.50
C ARG A 222 33.87 22.72 5.77
N LYS A 223 32.76 22.46 6.47
CA LYS A 223 31.81 23.52 6.75
C LYS A 223 32.40 24.58 7.67
N VAL A 224 33.51 24.28 8.34
CA VAL A 224 34.21 25.30 9.11
C VAL A 224 35.12 26.12 8.21
N LYS A 225 35.77 25.46 7.26
CA LYS A 225 36.73 26.12 6.37
C LYS A 225 36.11 26.56 5.05
N ASP A 226 34.82 26.30 4.84
CA ASP A 226 34.05 26.86 3.73
C ASP A 226 34.62 26.46 2.37
N LEU A 227 35.14 25.24 2.28
CA LEU A 227 35.48 24.68 0.98
C LEU A 227 34.21 24.24 0.25
N PRO A 228 34.28 24.07 -1.07
CA PRO A 228 33.10 23.56 -1.79
C PRO A 228 32.68 22.19 -1.26
N THR A 229 31.37 21.99 -1.19
CA THR A 229 30.84 20.76 -0.62
C THR A 229 31.04 19.59 -1.57
N GLU A 230 31.09 18.40 -0.99
CA GLU A 230 31.25 17.16 -1.74
C GLU A 230 29.90 16.43 -1.79
N TYR A 231 29.50 16.04 -2.99
CA TYR A 231 28.20 15.42 -3.21
C TYR A 231 28.36 13.94 -3.54
N TYR A 232 27.27 13.20 -3.37
CA TYR A 232 27.25 11.79 -3.71
C TYR A 232 25.83 11.39 -4.07
N CYS A 233 25.72 10.28 -4.81
CA CYS A 233 24.43 9.76 -5.25
C CYS A 233 24.44 8.24 -5.16
N LYS A 234 23.32 7.68 -4.70
CA LYS A 234 23.19 6.23 -4.56
C LYS A 234 21.95 5.65 -5.24
N SER A 235 20.90 6.43 -5.47
CA SER A 235 19.65 5.89 -5.98
C SER A 235 19.07 6.82 -7.03
N LEU A 236 17.98 6.39 -7.65
CA LEU A 236 17.27 7.14 -8.67
C LEU A 236 15.87 7.46 -8.17
N TYR A 237 15.49 8.72 -8.23
CA TYR A 237 14.22 9.20 -7.68
C TYR A 237 13.19 9.32 -8.79
N SER A 238 12.06 8.63 -8.63
CA SER A 238 10.99 8.65 -9.62
C SER A 238 9.70 9.13 -8.98
N PRO A 239 9.34 10.41 -9.14
CA PRO A 239 8.02 10.85 -8.66
C PRO A 239 6.86 10.25 -9.43
N GLU A 240 7.02 10.01 -10.73
CA GLU A 240 5.95 9.40 -11.51
C GLU A 240 5.74 7.94 -11.13
N ARG A 241 6.73 7.31 -10.50
CA ARG A 241 6.56 6.01 -9.88
C ARG A 241 6.52 6.09 -8.36
N GLY A 242 6.79 7.27 -7.79
CA GLY A 242 6.69 7.48 -6.36
C GLY A 242 7.64 6.65 -5.53
N GLY A 243 8.91 6.59 -5.92
CA GLY A 243 9.84 5.79 -5.14
C GLY A 243 11.28 6.00 -5.55
N PHE A 244 12.17 5.40 -4.76
CA PHE A 244 13.60 5.44 -5.01
C PHE A 244 14.06 4.04 -5.41
N PHE A 245 14.75 3.95 -6.54
CA PHE A 245 15.16 2.68 -7.12
C PHE A 245 16.68 2.60 -7.21
N SER A 246 17.17 1.41 -7.48
CA SER A 246 18.60 1.17 -7.58
C SER A 246 19.16 1.80 -8.85
N LEU A 247 20.43 2.20 -8.78
CA LEU A 247 21.10 2.85 -9.89
C LEU A 247 21.50 1.82 -10.95
N PRO A 248 21.17 2.03 -12.21
CA PRO A 248 21.70 1.18 -13.31
C PRO A 248 23.13 1.59 -13.68
N LEU A 249 24.09 1.04 -12.93
CA LEU A 249 25.48 1.46 -13.01
C LEU A 249 26.14 1.14 -14.35
N SER A 250 25.52 0.30 -15.17
CA SER A 250 26.14 -0.07 -16.44
C SER A 250 25.74 0.84 -17.60
N ASP A 251 24.65 1.59 -17.47
CA ASP A 251 24.14 2.41 -18.56
C ASP A 251 24.47 3.90 -18.40
N ILE A 252 25.24 4.28 -17.39
CA ILE A 252 25.56 5.67 -17.16
C ILE A 252 27.07 5.85 -17.19
N GLY A 253 27.50 7.05 -17.60
CA GLY A 253 28.91 7.32 -17.76
C GLY A 253 29.56 6.60 -18.92
N ARG A 254 28.76 6.16 -19.89
CA ARG A 254 29.29 5.34 -20.98
C ARG A 254 30.11 6.16 -21.98
N SER A 255 29.76 7.43 -22.16
CA SER A 255 30.43 8.31 -23.13
C SER A 255 30.48 7.68 -24.52
N SER A 256 29.37 7.08 -24.92
CA SER A 256 29.27 6.41 -26.20
C SER A 256 28.33 7.13 -27.17
N GLY A 257 27.93 8.36 -26.87
CA GLY A 257 27.01 9.07 -27.73
C GLY A 257 25.60 8.51 -27.73
N PHE A 258 25.23 7.74 -26.71
CA PHE A 258 23.92 7.12 -26.62
C PHE A 258 23.42 7.33 -25.20
N CYS A 259 22.23 7.92 -25.07
CA CYS A 259 21.63 8.24 -23.78
C CYS A 259 20.37 7.41 -23.60
N THR A 260 20.28 6.70 -22.47
CA THR A 260 19.11 5.87 -22.19
C THR A 260 17.90 6.71 -21.83
N SER A 261 18.11 7.79 -21.07
CA SER A 261 16.98 8.64 -20.68
C SER A 261 16.33 9.28 -21.89
N CYS A 262 17.13 9.81 -22.82
CA CYS A 262 16.58 10.40 -24.03
C CYS A 262 15.86 9.36 -24.87
N LYS A 263 16.43 8.16 -24.98
CA LYS A 263 15.81 7.10 -25.77
C LYS A 263 14.45 6.70 -25.17
N ILE A 264 14.39 6.53 -23.86
CA ILE A 264 13.13 6.11 -23.24
C ILE A 264 12.10 7.23 -23.31
N ARG A 265 12.54 8.49 -23.20
CA ARG A 265 11.61 9.60 -23.38
C ARG A 265 11.06 9.64 -24.80
N GLU A 266 11.92 9.42 -25.79
CA GLU A 266 11.45 9.39 -27.17
C GLU A 266 10.49 8.25 -27.41
N ASP A 267 10.77 7.08 -26.84
CA ASP A 267 9.87 5.93 -27.01
C ASP A 267 8.52 6.21 -26.36
N GLU A 268 8.52 6.83 -25.17
CA GLU A 268 7.26 7.18 -24.53
C GLU A 268 6.49 8.21 -25.35
N GLU A 269 7.19 9.20 -25.89
CA GLU A 269 6.52 10.21 -26.72
C GLU A 269 5.94 9.60 -27.99
N LYS A 270 6.59 8.57 -28.53
CA LYS A 270 6.05 7.88 -29.70
C LYS A 270 4.69 7.26 -29.40
N ARG A 271 4.48 6.81 -28.17
CA ARG A 271 3.21 6.23 -27.77
C ARG A 271 2.16 7.33 -27.63
N SER A 272 0.97 6.93 -27.16
CA SER A 272 -0.17 7.83 -26.97
C SER A 272 -0.64 8.46 -28.28
N THR A 273 -0.27 7.87 -29.42
CA THR A 273 -0.73 8.32 -30.73
C THR A 273 -1.31 7.12 -31.46
N ILE A 274 -2.51 7.31 -32.03
CA ILE A 274 -3.19 6.20 -32.70
C ILE A 274 -2.43 5.84 -33.97
N LYS A 275 -2.18 4.55 -34.15
CA LYS A 275 -1.49 4.04 -35.32
C LYS A 275 -2.24 2.80 -35.80
N LEU A 276 -2.39 2.68 -37.12
CA LEU A 276 -3.12 1.59 -37.73
C LEU A 276 -2.15 0.64 -38.42
N ASN A 277 -2.30 -0.66 -38.14
CA ASN A 277 -1.42 -1.65 -38.74
C ASN A 277 -1.84 -1.94 -40.17
N VAL A 278 -0.93 -2.59 -40.91
CA VAL A 278 -1.20 -2.92 -42.30
C VAL A 278 -2.28 -3.99 -42.40
N SER A 279 -2.97 -4.00 -43.53
CA SER A 279 -4.06 -4.92 -43.84
C SER A 279 -5.23 -4.79 -42.88
N LYS A 280 -5.28 -3.71 -42.10
CA LYS A 280 -6.37 -3.48 -41.14
C LYS A 280 -6.52 -4.64 -40.17
N THR A 281 -5.40 -5.23 -39.76
CA THR A 281 -5.44 -6.30 -38.77
C THR A 281 -5.84 -5.76 -37.40
N GLY A 282 -5.33 -4.58 -37.04
CA GLY A 282 -5.63 -4.02 -35.75
C GLY A 282 -5.01 -2.65 -35.60
N PHE A 283 -4.95 -2.19 -34.35
CA PHE A 283 -4.42 -0.86 -34.07
C PHE A 283 -3.74 -0.87 -32.70
N PHE A 284 -2.97 0.18 -32.45
CA PHE A 284 -2.21 0.34 -31.21
C PHE A 284 -2.76 1.55 -30.45
N ILE A 285 -3.06 1.35 -29.17
CA ILE A 285 -3.52 2.43 -28.29
C ILE A 285 -2.77 2.35 -26.98
N ASN A 286 -2.12 3.44 -26.59
CA ASN A 286 -1.44 3.57 -25.30
C ASN A 286 -0.40 2.49 -25.06
N GLY A 287 0.05 1.81 -26.11
CA GLY A 287 1.04 0.76 -25.98
C GLY A 287 0.50 -0.66 -26.01
N ILE A 288 -0.80 -0.85 -26.18
CA ILE A 288 -1.40 -2.17 -26.24
C ILE A 288 -2.15 -2.30 -27.57
N GLU A 289 -2.10 -3.50 -28.15
CA GLU A 289 -2.67 -3.75 -29.47
C GLU A 289 -4.06 -4.33 -29.33
N TYR A 290 -4.96 -3.90 -30.22
CA TYR A 290 -6.30 -4.44 -30.32
C TYR A 290 -6.51 -4.96 -31.74
N SER A 291 -7.08 -6.16 -31.85
CA SER A 291 -7.31 -6.80 -33.13
C SER A 291 -8.71 -7.38 -33.19
N VAL A 292 -9.15 -7.69 -34.41
CA VAL A 292 -10.47 -8.25 -34.62
C VAL A 292 -10.56 -9.64 -34.00
N GLU A 293 -11.77 -10.03 -33.61
CA GLU A 293 -12.05 -11.32 -32.97
C GLU A 293 -11.45 -11.39 -31.56
N ASP A 294 -11.48 -10.26 -30.86
CA ASP A 294 -11.03 -10.16 -29.48
C ASP A 294 -12.17 -9.63 -28.61
N PHE A 295 -11.87 -9.44 -27.33
CA PHE A 295 -12.83 -8.89 -26.38
C PHE A 295 -12.17 -7.75 -25.61
N VAL A 296 -12.92 -6.66 -25.42
CA VAL A 296 -12.39 -5.43 -24.84
C VAL A 296 -13.43 -4.82 -23.91
N TYR A 297 -12.97 -3.81 -23.16
CA TYR A 297 -13.80 -3.09 -22.21
C TYR A 297 -14.29 -1.77 -22.82
N VAL A 298 -15.49 -1.38 -22.42
CA VAL A 298 -16.06 -0.10 -22.82
C VAL A 298 -16.73 0.53 -21.59
N ASN A 299 -16.51 1.82 -21.39
CA ASN A 299 -17.08 2.50 -20.24
C ASN A 299 -18.61 2.51 -20.33
N PRO A 300 -19.30 2.46 -19.19
CA PRO A 300 -20.77 2.38 -19.24
C PRO A 300 -21.41 3.64 -19.77
N ASP A 301 -20.97 4.82 -19.31
CA ASP A 301 -21.57 6.07 -19.77
C ASP A 301 -21.26 6.35 -21.23
N SER A 302 -20.19 5.78 -21.77
CA SER A 302 -19.85 6.01 -23.17
C SER A 302 -20.84 5.31 -24.10
N ILE A 303 -21.17 4.05 -23.79
CA ILE A 303 -22.12 3.30 -24.60
C ILE A 303 -23.53 3.71 -24.20
N GLY A 304 -24.39 3.93 -25.19
CA GLY A 304 -25.76 4.34 -24.93
C GLY A 304 -26.58 3.30 -24.21
N SER A 313 -29.24 11.12 -2.87
CA SER A 313 -29.70 9.82 -3.31
C SER A 313 -28.94 8.69 -2.62
N PHE A 314 -28.08 9.05 -1.67
CA PHE A 314 -27.29 8.09 -0.92
C PHE A 314 -27.23 8.52 0.54
N LYS A 315 -27.15 7.55 1.44
CA LYS A 315 -27.07 7.85 2.86
C LYS A 315 -25.74 7.45 3.47
N SER A 316 -25.39 6.17 3.45
CA SER A 316 -24.06 5.74 3.87
C SER A 316 -23.39 4.72 2.95
N GLY A 317 -24.13 3.83 2.31
CA GLY A 317 -23.57 2.88 1.36
C GLY A 317 -23.65 3.39 -0.06
N ARG A 318 -22.96 4.49 -0.35
CA ARG A 318 -23.11 5.17 -1.63
C ARG A 318 -22.47 4.40 -2.77
N ASN A 319 -23.01 3.22 -3.08
CA ASN A 319 -22.47 2.42 -4.18
C ASN A 319 -23.55 1.71 -5.00
N ILE A 320 -24.84 2.00 -4.77
CA ILE A 320 -25.89 1.28 -5.48
C ILE A 320 -25.91 1.67 -6.95
N GLY A 321 -25.81 2.96 -7.24
CA GLY A 321 -25.89 3.42 -8.61
C GLY A 321 -24.56 3.42 -9.34
N LEU A 322 -23.90 2.26 -9.38
CA LEU A 322 -22.61 2.12 -10.05
C LEU A 322 -22.65 0.90 -10.96
N ARG A 323 -21.92 1.00 -12.07
CA ARG A 323 -21.90 -0.05 -13.08
C ARG A 323 -20.47 -0.46 -13.37
N ALA A 324 -20.33 -1.61 -14.03
CA ALA A 324 -19.04 -2.21 -14.35
C ALA A 324 -18.73 -2.01 -15.83
N TYR A 325 -17.53 -2.45 -16.22
CA TYR A 325 -17.12 -2.37 -17.61
C TYR A 325 -18.06 -3.19 -18.49
N VAL A 326 -18.34 -2.67 -19.68
CA VAL A 326 -19.15 -3.39 -20.66
C VAL A 326 -18.21 -4.19 -21.55
N VAL A 327 -18.49 -5.49 -21.68
CA VAL A 327 -17.66 -6.38 -22.50
C VAL A 327 -18.16 -6.31 -23.93
N CYS A 328 -17.23 -6.05 -24.86
CA CYS A 328 -17.57 -5.89 -26.26
C CYS A 328 -16.63 -6.71 -27.12
N GLN A 329 -17.15 -7.20 -28.24
CA GLN A 329 -16.37 -7.99 -29.20
C GLN A 329 -16.27 -7.21 -30.50
N LEU A 330 -15.04 -6.96 -30.95
CA LEU A 330 -14.85 -6.21 -32.19
C LEU A 330 -15.30 -7.02 -33.38
N LEU A 331 -16.11 -6.38 -34.25
CA LEU A 331 -16.58 -7.01 -35.48
C LEU A 331 -15.76 -6.56 -36.68
N GLU A 332 -15.72 -5.25 -36.92
CA GLU A 332 -14.92 -4.69 -38.01
C GLU A 332 -14.67 -3.22 -37.72
N ILE A 333 -13.69 -2.67 -38.42
CA ILE A 333 -13.33 -1.25 -38.31
C ILE A 333 -13.92 -0.53 -39.51
N VAL A 334 -14.63 0.57 -39.24
CA VAL A 334 -15.30 1.34 -40.28
C VAL A 334 -14.88 2.80 -40.17
N PRO A 335 -14.88 3.56 -41.28
CA PRO A 335 -14.53 4.99 -41.25
C PRO A 335 -15.58 5.84 -40.55
N SER A 345 -8.55 8.58 -39.36
CA SER A 345 -9.61 8.36 -38.39
C SER A 345 -10.46 7.15 -38.77
N PHE A 346 -11.08 6.54 -37.76
CA PHE A 346 -11.84 5.31 -37.95
C PHE A 346 -12.74 5.11 -36.74
N ASP A 347 -13.71 4.22 -36.90
CA ASP A 347 -14.66 3.88 -35.85
C ASP A 347 -14.79 2.37 -35.75
N VAL A 348 -15.22 1.89 -34.58
CA VAL A 348 -15.28 0.46 -34.33
C VAL A 348 -16.75 0.04 -34.20
N LYS A 349 -17.00 -1.23 -34.49
CA LYS A 349 -18.30 -1.85 -34.31
C LYS A 349 -18.14 -2.99 -33.33
N VAL A 350 -18.98 -3.04 -32.30
CA VAL A 350 -18.81 -3.96 -31.19
C VAL A 350 -20.11 -4.70 -30.91
N ARG A 351 -20.02 -6.02 -30.75
CA ARG A 351 -21.12 -6.81 -30.21
C ARG A 351 -21.10 -6.73 -28.69
N ARG A 352 -22.26 -6.51 -28.09
CA ARG A 352 -22.38 -6.29 -26.66
C ARG A 352 -22.53 -7.60 -25.90
N PHE A 353 -22.02 -7.62 -24.67
CA PHE A 353 -22.27 -8.71 -23.74
C PHE A 353 -22.97 -8.15 -22.50
N TYR A 354 -24.06 -8.79 -22.10
CA TYR A 354 -24.86 -8.34 -20.96
C TYR A 354 -24.46 -9.10 -19.70
N ARG A 355 -24.95 -8.59 -18.56
CA ARG A 355 -24.60 -9.10 -17.25
C ARG A 355 -25.85 -9.39 -16.44
N PRO A 356 -25.76 -10.31 -15.47
CA PRO A 356 -26.96 -10.65 -14.68
C PRO A 356 -27.57 -9.48 -13.92
N GLU A 357 -26.77 -8.57 -13.37
CA GLU A 357 -27.36 -7.50 -12.58
C GLU A 357 -27.90 -6.36 -13.44
N ASP A 358 -27.78 -6.46 -14.76
CA ASP A 358 -28.54 -5.60 -15.65
C ASP A 358 -29.96 -6.07 -15.84
N VAL A 359 -30.31 -7.25 -15.31
CA VAL A 359 -31.67 -7.78 -15.36
C VAL A 359 -32.37 -7.41 -14.06
N SER A 360 -31.83 -7.90 -12.94
CA SER A 360 -32.37 -7.56 -11.63
C SER A 360 -31.33 -7.94 -10.57
N ALA A 361 -31.49 -7.35 -9.38
CA ALA A 361 -30.59 -7.68 -8.27
C ALA A 361 -30.86 -9.07 -7.74
N GLU A 362 -32.11 -9.52 -7.78
CA GLU A 362 -32.44 -10.88 -7.32
C GLU A 362 -31.74 -11.94 -8.17
N LYS A 363 -31.74 -11.77 -9.49
CA LYS A 363 -31.07 -12.72 -10.36
C LYS A 363 -29.56 -12.69 -10.15
N ALA A 364 -29.00 -11.50 -9.92
CA ALA A 364 -27.57 -11.38 -9.69
C ALA A 364 -27.15 -11.92 -8.34
N TYR A 365 -28.06 -11.98 -7.37
CA TYR A 365 -27.72 -12.49 -6.05
C TYR A 365 -27.29 -13.95 -6.11
N ALA A 366 -27.84 -14.73 -7.03
CA ALA A 366 -27.57 -16.16 -7.15
C ALA A 366 -26.87 -16.48 -8.46
N SER A 367 -25.90 -15.67 -8.85
CA SER A 367 -25.18 -15.85 -10.11
C SER A 367 -23.69 -15.71 -9.87
N ASP A 368 -22.92 -16.33 -10.75
CA ASP A 368 -21.47 -16.33 -10.64
C ASP A 368 -20.91 -14.93 -10.89
N ILE A 369 -19.76 -14.65 -10.27
CA ILE A 369 -19.17 -13.32 -10.34
C ILE A 369 -18.66 -12.97 -11.73
N GLN A 370 -18.33 -13.97 -12.56
CA GLN A 370 -17.73 -13.74 -13.86
C GLN A 370 -18.52 -14.44 -14.96
N GLU A 371 -19.84 -14.25 -14.95
CA GLU A 371 -20.72 -14.81 -15.95
C GLU A 371 -21.38 -13.69 -16.76
N LEU A 372 -21.41 -13.86 -18.07
CA LEU A 372 -22.01 -12.88 -18.99
C LEU A 372 -23.10 -13.55 -19.82
N TYR A 373 -23.82 -12.72 -20.58
CA TYR A 373 -24.94 -13.20 -21.39
C TYR A 373 -24.74 -12.78 -22.84
N PHE A 374 -25.25 -13.62 -23.74
CA PHE A 374 -25.05 -13.46 -25.17
C PHE A 374 -26.23 -12.68 -25.75
N SER A 375 -25.94 -11.58 -26.44
CA SER A 375 -26.95 -10.79 -27.13
C SER A 375 -26.45 -10.48 -28.53
N GLN A 376 -27.41 -10.17 -29.41
CA GLN A 376 -27.11 -9.86 -30.80
C GLN A 376 -26.88 -8.38 -31.06
N ASP A 377 -26.88 -7.55 -30.02
CA ASP A 377 -26.79 -6.11 -30.20
C ASP A 377 -25.40 -5.69 -30.65
N THR A 378 -25.36 -4.87 -31.70
CA THR A 378 -24.12 -4.30 -32.22
C THR A 378 -24.22 -2.78 -32.17
N VAL A 379 -23.14 -2.13 -31.75
CA VAL A 379 -23.13 -0.68 -31.55
C VAL A 379 -21.84 -0.11 -32.13
N VAL A 380 -21.93 1.10 -32.69
CA VAL A 380 -20.79 1.79 -33.28
C VAL A 380 -20.22 2.76 -32.26
N LEU A 381 -18.91 2.68 -32.03
CA LEU A 381 -18.21 3.48 -31.04
C LEU A 381 -17.02 4.19 -31.65
N PRO A 382 -16.62 5.32 -31.08
CA PRO A 382 -15.33 5.92 -31.44
C PRO A 382 -14.18 5.07 -30.93
N PRO A 383 -13.00 5.17 -31.53
CA PRO A 383 -11.88 4.32 -31.11
C PRO A 383 -11.21 4.75 -29.81
N GLY A 384 -11.63 5.86 -29.22
CA GLY A 384 -11.06 6.30 -27.96
C GLY A 384 -11.69 5.70 -26.72
N ALA A 385 -12.75 4.92 -26.87
CA ALA A 385 -13.44 4.32 -25.73
C ALA A 385 -13.00 2.87 -25.54
N LEU A 386 -11.72 2.68 -25.25
CA LEU A 386 -11.15 1.39 -24.91
C LEU A 386 -10.28 1.54 -23.67
N GLU A 387 -10.32 0.52 -22.80
CA GLU A 387 -9.50 0.56 -21.59
C GLU A 387 -8.82 -0.77 -21.28
N GLY A 388 -8.86 -1.75 -22.16
CA GLY A 388 -8.17 -2.99 -21.94
C GLY A 388 -8.83 -4.13 -22.69
N LYS A 389 -8.24 -5.31 -22.54
CA LYS A 389 -8.70 -6.53 -23.19
C LYS A 389 -9.04 -7.57 -22.13
N CYS A 390 -9.72 -8.63 -22.58
CA CYS A 390 -10.13 -9.71 -21.70
C CYS A 390 -10.35 -10.96 -22.54
N GLU A 391 -10.77 -12.04 -21.89
CA GLU A 391 -11.02 -13.31 -22.56
C GLU A 391 -12.39 -13.85 -22.18
N VAL A 392 -13.01 -14.55 -23.12
CA VAL A 392 -14.29 -15.20 -22.90
C VAL A 392 -14.14 -16.66 -23.32
N ARG A 393 -14.46 -17.58 -22.41
CA ARG A 393 -14.31 -19.00 -22.64
C ARG A 393 -15.66 -19.69 -22.44
N LYS A 394 -15.65 -21.02 -22.48
CA LYS A 394 -16.84 -21.83 -22.28
C LYS A 394 -16.70 -22.64 -21.00
N LYS A 395 -17.81 -23.24 -20.58
CA LYS A 395 -17.82 -23.95 -19.30
C LYS A 395 -17.25 -25.36 -19.44
N SER A 396 -16.09 -25.49 -20.08
CA SER A 396 -15.31 -26.71 -20.04
C SER A 396 -13.82 -26.48 -19.96
N ASP A 397 -13.34 -25.26 -20.22
CA ASP A 397 -11.91 -24.92 -20.19
C ASP A 397 -11.76 -23.67 -19.33
N MET A 398 -11.56 -23.88 -18.04
CA MET A 398 -11.42 -22.82 -17.06
C MET A 398 -10.06 -22.95 -16.38
N PRO A 399 -9.59 -21.88 -15.71
CA PRO A 399 -8.29 -21.97 -15.03
C PRO A 399 -8.16 -23.12 -14.06
N LEU A 400 -9.28 -23.64 -13.55
CA LEU A 400 -9.35 -24.82 -12.68
C LEU A 400 -8.78 -24.55 -11.29
N SER A 401 -8.18 -23.37 -11.06
CA SER A 401 -7.70 -22.97 -9.75
C SER A 401 -8.56 -21.79 -9.30
N ARG A 402 -9.35 -22.00 -8.25
CA ARG A 402 -10.31 -21.00 -7.80
C ARG A 402 -9.68 -20.14 -6.69
N GLU A 403 -8.75 -19.28 -7.10
CA GLU A 403 -8.14 -18.35 -6.19
C GLU A 403 -9.11 -17.21 -5.85
N TYR A 404 -8.91 -16.62 -4.67
CA TYR A 404 -9.73 -15.51 -4.21
C TYR A 404 -8.80 -14.53 -3.50
N PRO A 405 -8.77 -13.25 -3.91
CA PRO A 405 -9.60 -12.61 -4.93
C PRO A 405 -9.17 -12.92 -6.36
N ILE A 406 -10.08 -12.80 -7.31
CA ILE A 406 -9.77 -13.08 -8.71
C ILE A 406 -8.90 -11.96 -9.26
N SER A 407 -7.81 -12.34 -9.95
CA SER A 407 -6.89 -11.38 -10.51
C SER A 407 -6.64 -11.60 -11.99
N ASP A 408 -7.54 -12.28 -12.68
CA ASP A 408 -7.40 -12.56 -14.10
C ASP A 408 -8.70 -12.24 -14.83
N HIS A 409 -8.56 -11.79 -16.08
CA HIS A 409 -9.69 -11.28 -16.86
C HIS A 409 -10.21 -12.37 -17.78
N ILE A 410 -10.99 -13.28 -17.20
CA ILE A 410 -11.65 -14.34 -17.96
C ILE A 410 -13.10 -14.41 -17.53
N PHE A 411 -14.00 -14.49 -18.51
CA PHE A 411 -15.43 -14.66 -18.29
C PHE A 411 -15.91 -15.90 -19.05
N PHE A 412 -17.16 -16.28 -18.83
CA PHE A 412 -17.70 -17.45 -19.48
C PHE A 412 -19.19 -17.24 -19.78
N CYS A 413 -19.69 -18.06 -20.71
CA CYS A 413 -21.10 -18.09 -21.05
C CYS A 413 -21.41 -19.43 -21.70
N ASP A 414 -22.69 -19.77 -21.72
CA ASP A 414 -23.11 -21.06 -22.28
C ASP A 414 -23.52 -20.96 -23.75
N GLU A 469 10.16 -23.40 -3.58
CA GLU A 469 11.58 -23.19 -3.84
C GLU A 469 11.98 -21.73 -3.61
N ILE A 470 10.98 -20.88 -3.42
CA ILE A 470 11.19 -19.45 -3.22
C ILE A 470 10.58 -18.97 -1.91
N ARG A 471 10.05 -19.87 -1.10
CA ARG A 471 9.41 -19.48 0.16
C ARG A 471 10.43 -18.84 1.09
N LEU A 472 9.98 -17.82 1.83
CA LEU A 472 10.86 -17.01 2.66
C LEU A 472 10.54 -17.24 4.12
N ALA A 473 11.59 -17.30 4.94
CA ALA A 473 11.40 -17.27 6.39
C ALA A 473 10.92 -15.90 6.81
N THR A 474 9.85 -15.86 7.60
CA THR A 474 9.17 -14.61 7.91
C THR A 474 9.05 -14.42 9.41
N LEU A 475 9.26 -13.17 9.84
CA LEU A 475 9.04 -12.75 11.21
C LEU A 475 7.90 -11.74 11.22
N ASP A 476 6.87 -12.03 12.01
CA ASP A 476 5.68 -11.20 12.13
C ASP A 476 5.73 -10.41 13.43
N ILE A 477 5.51 -9.11 13.34
CA ILE A 477 5.44 -8.23 14.49
C ILE A 477 4.04 -7.63 14.55
N PHE A 478 3.48 -7.55 15.75
CA PHE A 478 2.07 -7.17 15.94
C PHE A 478 1.18 -8.10 15.12
N ALA A 479 1.33 -9.41 15.35
CA ALA A 479 0.65 -10.39 14.52
C ALA A 479 -0.87 -10.31 14.70
N GLY A 480 -1.32 -10.11 15.94
CA GLY A 480 -2.76 -10.13 16.18
C GLY A 480 -3.32 -11.53 15.96
N CYS A 481 -4.53 -11.59 15.41
CA CYS A 481 -5.11 -12.89 15.07
C CYS A 481 -4.30 -13.58 13.98
N GLY A 482 -3.82 -12.82 12.99
CA GLY A 482 -2.96 -13.38 11.96
C GLY A 482 -3.53 -13.32 10.56
N GLY A 483 -4.36 -12.31 10.29
CA GLY A 483 -4.92 -12.18 8.95
C GLY A 483 -3.86 -11.91 7.89
N LEU A 484 -2.96 -10.98 8.17
CA LEU A 484 -1.89 -10.68 7.21
C LEU A 484 -0.97 -11.88 7.03
N SER A 485 -0.61 -12.56 8.12
CA SER A 485 0.22 -13.75 8.01
C SER A 485 -0.48 -14.85 7.24
N HIS A 486 -1.78 -15.04 7.49
CA HIS A 486 -2.55 -16.04 6.75
C HIS A 486 -2.55 -15.73 5.26
N GLY A 487 -2.79 -14.47 4.90
CA GLY A 487 -2.79 -14.09 3.50
C GLY A 487 -1.45 -14.28 2.83
N LEU A 488 -0.37 -13.91 3.52
CA LEU A 488 0.95 -14.01 2.92
C LEU A 488 1.43 -15.47 2.86
N LYS A 489 0.95 -16.32 3.76
CA LYS A 489 1.29 -17.73 3.70
C LYS A 489 0.49 -18.44 2.61
N LYS A 490 -0.76 -18.03 2.40
CA LYS A 490 -1.57 -18.65 1.35
C LYS A 490 -1.01 -18.39 -0.04
N ALA A 491 -0.18 -17.35 -0.21
CA ALA A 491 0.39 -17.04 -1.50
C ALA A 491 1.60 -17.90 -1.86
N GLY A 492 2.07 -18.72 -0.93
CA GLY A 492 3.22 -19.57 -1.19
C GLY A 492 4.54 -18.86 -1.19
N VAL A 493 4.59 -17.60 -0.73
CA VAL A 493 5.82 -16.82 -0.75
C VAL A 493 6.47 -16.74 0.61
N SER A 494 5.73 -16.97 1.69
CA SER A 494 6.26 -16.78 3.03
C SER A 494 5.76 -17.89 3.95
N ASP A 495 6.63 -18.32 4.85
CA ASP A 495 6.22 -19.11 6.00
C ASP A 495 6.67 -18.40 7.28
N ALA A 496 5.78 -18.35 8.25
CA ALA A 496 6.01 -17.55 9.46
C ALA A 496 6.69 -18.42 10.50
N LYS A 497 7.97 -18.16 10.76
CA LYS A 497 8.68 -18.97 11.74
C LYS A 497 8.63 -18.39 13.13
N TRP A 498 8.56 -17.06 13.25
CA TRP A 498 8.49 -16.40 14.54
C TRP A 498 7.46 -15.29 14.48
N ALA A 499 6.69 -15.14 15.56
CA ALA A 499 5.69 -14.09 15.66
C ALA A 499 5.75 -13.48 17.04
N ILE A 500 5.40 -12.19 17.12
CA ILE A 500 5.40 -11.44 18.36
C ILE A 500 4.01 -10.84 18.55
N GLU A 501 3.44 -11.02 19.74
CA GLU A 501 2.12 -10.52 20.06
C GLU A 501 2.11 -9.96 21.47
N TYR A 502 1.21 -9.02 21.72
CA TYR A 502 1.09 -8.35 23.02
C TYR A 502 0.06 -9.03 23.92
N GLU A 503 -1.16 -9.20 23.43
CA GLU A 503 -2.27 -9.66 24.26
C GLU A 503 -2.45 -11.17 24.16
N GLU A 504 -2.85 -11.75 25.30
CA GLU A 504 -2.97 -13.21 25.38
C GLU A 504 -4.00 -13.81 24.44
N PRO A 505 -5.23 -13.28 24.33
CA PRO A 505 -6.18 -13.91 23.39
C PRO A 505 -5.72 -13.92 21.95
N ALA A 506 -5.06 -12.84 21.49
CA ALA A 506 -4.55 -12.81 20.13
C ALA A 506 -3.46 -13.85 19.93
N GLY A 507 -2.57 -14.01 20.92
CA GLY A 507 -1.57 -15.06 20.83
C GLY A 507 -2.18 -16.44 20.80
N GLN A 508 -3.22 -16.67 21.59
CA GLN A 508 -3.90 -17.96 21.57
C GLN A 508 -4.53 -18.22 20.22
N ALA A 509 -5.16 -17.21 19.63
CA ALA A 509 -5.74 -17.37 18.30
C ALA A 509 -4.68 -17.68 17.25
N PHE A 510 -3.55 -16.96 17.31
CA PHE A 510 -2.47 -17.22 16.36
C PHE A 510 -1.93 -18.64 16.52
N LYS A 511 -1.77 -19.09 17.77
CA LYS A 511 -1.31 -20.45 18.02
C LYS A 511 -2.31 -21.48 17.48
N GLN A 512 -3.60 -21.20 17.64
CA GLN A 512 -4.61 -22.13 17.16
C GLN A 512 -4.67 -22.17 15.63
N ASN A 513 -4.35 -21.07 14.97
CA ASN A 513 -4.45 -21.01 13.51
C ASN A 513 -3.18 -21.45 12.81
N HIS A 514 -2.02 -21.34 13.46
CA HIS A 514 -0.73 -21.71 12.88
C HIS A 514 -0.02 -22.64 13.85
N PRO A 515 -0.31 -23.95 13.79
CA PRO A 515 0.29 -24.88 14.76
C PRO A 515 1.80 -24.96 14.70
N GLU A 516 2.40 -24.79 13.52
CA GLU A 516 3.82 -25.02 13.34
C GLU A 516 4.69 -23.79 13.58
N SER A 517 4.09 -22.66 13.96
CA SER A 517 4.84 -21.44 14.17
C SER A 517 5.25 -21.29 15.63
N THR A 518 6.22 -20.40 15.86
CA THR A 518 6.67 -20.05 17.21
C THR A 518 6.12 -18.68 17.55
N VAL A 519 5.39 -18.59 18.66
CA VAL A 519 4.69 -17.37 19.05
C VAL A 519 5.26 -16.88 20.38
N PHE A 520 5.59 -15.60 20.43
CA PHE A 520 6.08 -14.95 21.64
C PHE A 520 5.05 -13.93 22.09
N VAL A 521 4.51 -14.12 23.28
CA VAL A 521 3.50 -13.21 23.84
C VAL A 521 4.24 -12.30 24.82
N ASP A 522 4.74 -11.19 24.30
CA ASP A 522 5.48 -10.22 25.10
C ASP A 522 5.53 -8.90 24.33
N ASN A 523 5.90 -7.85 25.05
CA ASN A 523 6.10 -6.55 24.41
C ASN A 523 7.35 -6.61 23.53
N CYS A 524 7.29 -5.94 22.38
CA CYS A 524 8.35 -6.06 21.39
C CYS A 524 9.68 -5.51 21.87
N ASN A 525 9.65 -4.54 22.79
CA ASN A 525 10.89 -3.91 23.24
C ASN A 525 11.77 -4.91 23.97
N VAL A 526 11.20 -5.67 24.89
CA VAL A 526 11.97 -6.66 25.64
C VAL A 526 12.44 -7.78 24.72
N ILE A 527 11.63 -8.13 23.72
CA ILE A 527 12.04 -9.14 22.76
C ILE A 527 13.27 -8.68 21.99
N LEU A 528 13.26 -7.43 21.53
CA LEU A 528 14.41 -6.89 20.81
C LEU A 528 15.64 -6.83 21.71
N ARG A 529 15.46 -6.40 22.95
CA ARG A 529 16.59 -6.34 23.87
C ARG A 529 17.20 -7.72 24.11
N ALA A 530 16.34 -8.74 24.30
CA ALA A 530 16.84 -10.10 24.49
C ALA A 530 17.56 -10.61 23.25
N ILE A 531 17.00 -10.33 22.06
CA ILE A 531 17.62 -10.77 20.82
C ILE A 531 19.00 -10.15 20.66
N MET A 532 19.12 -8.85 20.93
CA MET A 532 20.42 -8.20 20.81
C MET A 532 21.38 -8.67 21.91
N GLU A 533 20.87 -9.02 23.08
CA GLU A 533 21.72 -9.58 24.14
C GLU A 533 22.30 -10.92 23.70
N LYS A 534 21.50 -11.75 23.03
CA LYS A 534 21.98 -13.06 22.60
C LYS A 534 23.17 -12.93 21.67
N GLY A 535 23.15 -11.95 20.77
CA GLY A 535 24.23 -11.70 19.83
C GLY A 535 25.38 -10.88 20.36
N GLY A 536 25.36 -10.53 21.65
CA GLY A 536 26.43 -9.74 22.22
C GLY A 536 26.53 -8.32 21.70
N ASP A 537 25.38 -7.66 21.54
CA ASP A 537 25.32 -6.30 21.01
C ASP A 537 24.61 -5.36 21.97
N GLN A 538 24.81 -5.57 23.27
CA GLN A 538 24.14 -4.74 24.27
C GLN A 538 24.66 -3.30 24.29
N ASP A 539 25.77 -3.02 23.61
CA ASP A 539 26.28 -1.65 23.50
C ASP A 539 25.84 -0.96 22.23
N ASP A 540 25.00 -1.61 21.41
CA ASP A 540 24.51 -1.02 20.16
C ASP A 540 23.01 -0.76 20.22
N CYS A 541 22.43 -0.65 21.41
CA CYS A 541 21.00 -0.43 21.56
C CYS A 541 20.76 0.61 22.64
N VAL A 542 19.63 1.30 22.52
CA VAL A 542 19.18 2.27 23.50
C VAL A 542 17.86 1.77 24.08
N SER A 543 17.81 1.65 25.41
CA SER A 543 16.65 1.05 26.06
C SER A 543 16.56 1.56 27.48
N THR A 544 15.41 1.32 28.10
CA THR A 544 15.19 1.67 29.50
C THR A 544 15.47 0.46 30.39
N THR A 545 15.56 0.71 31.69
CA THR A 545 15.86 -0.35 32.64
C THR A 545 14.74 -1.38 32.71
N GLU A 546 13.50 -0.98 32.42
CA GLU A 546 12.38 -1.91 32.45
C GLU A 546 12.55 -3.01 31.41
N ALA A 547 13.01 -2.64 30.21
CA ALA A 547 13.24 -3.65 29.16
C ALA A 547 14.31 -4.64 29.59
N ASN A 548 15.40 -4.16 30.18
CA ASN A 548 16.44 -5.07 30.65
C ASN A 548 15.93 -5.98 31.75
N GLU A 549 15.14 -5.44 32.68
CA GLU A 549 14.59 -6.25 33.76
C GLU A 549 13.67 -7.34 33.21
N LEU A 550 12.82 -6.99 32.24
CA LEU A 550 11.89 -7.97 31.70
C LEU A 550 12.60 -8.99 30.82
N ALA A 551 13.68 -8.59 30.14
CA ALA A 551 14.44 -9.53 29.32
C ALA A 551 15.29 -10.48 30.16
N ALA A 552 15.70 -10.05 31.35
CA ALA A 552 16.47 -10.92 32.22
C ALA A 552 15.64 -12.05 32.81
N LYS A 553 14.31 -11.96 32.76
CA LYS A 553 13.43 -12.96 33.35
C LYS A 553 13.02 -14.05 32.37
N LEU A 554 13.48 -14.00 31.13
CA LEU A 554 13.13 -15.04 30.17
C LEU A 554 13.85 -16.34 30.48
N THR A 555 13.12 -17.45 30.43
CA THR A 555 13.71 -18.74 30.71
C THR A 555 14.57 -19.20 29.54
N GLU A 556 15.41 -20.21 29.80
CA GLU A 556 16.37 -20.66 28.79
C GLU A 556 15.70 -21.30 27.60
N GLU A 557 14.52 -21.91 27.79
CA GLU A 557 13.82 -22.55 26.68
C GLU A 557 13.39 -21.52 25.64
N GLN A 558 12.94 -20.34 26.08
CA GLN A 558 12.53 -19.31 25.14
C GLN A 558 13.72 -18.63 24.48
N LYS A 559 14.85 -18.55 25.18
CA LYS A 559 16.02 -17.86 24.63
C LYS A 559 16.70 -18.67 23.54
N SER A 560 16.60 -19.99 23.59
CA SER A 560 17.24 -20.84 22.60
C SER A 560 16.44 -20.97 21.31
N THR A 561 15.20 -20.50 21.29
CA THR A 561 14.35 -20.57 20.09
C THR A 561 14.17 -19.21 19.43
N LEU A 562 14.88 -18.19 19.89
CA LEU A 562 14.80 -16.88 19.26
C LEU A 562 15.56 -16.88 17.94
N PRO A 563 15.09 -16.12 16.96
CA PRO A 563 15.81 -16.04 15.68
C PRO A 563 17.09 -15.22 15.81
N LEU A 564 17.97 -15.41 14.83
CA LEU A 564 19.25 -14.72 14.78
C LEU A 564 19.42 -14.08 13.42
N PRO A 565 20.23 -13.02 13.33
CA PRO A 565 20.48 -12.39 12.01
C PRO A 565 21.09 -13.38 11.04
N GLY A 566 20.65 -13.30 9.79
CA GLY A 566 21.03 -14.22 8.75
C GLY A 566 20.03 -15.33 8.50
N GLN A 567 19.13 -15.59 9.45
CA GLN A 567 18.10 -16.59 9.27
C GLN A 567 16.75 -16.00 8.87
N VAL A 568 16.57 -14.70 9.02
CA VAL A 568 15.32 -14.03 8.69
C VAL A 568 15.48 -13.33 7.35
N ASP A 569 14.55 -13.62 6.44
CA ASP A 569 14.57 -13.01 5.11
C ASP A 569 13.40 -12.07 4.85
N PHE A 570 12.31 -12.19 5.62
CA PHE A 570 11.16 -11.32 5.44
C PHE A 570 10.69 -10.86 6.81
N ILE A 571 10.46 -9.56 6.96
CA ILE A 571 9.93 -8.97 8.19
C ILE A 571 8.66 -8.23 7.84
N ASN A 572 7.57 -8.53 8.55
CA ASN A 572 6.29 -7.91 8.26
C ASN A 572 5.54 -7.60 9.54
N GLY A 573 4.54 -6.74 9.42
CA GLY A 573 3.70 -6.39 10.55
C GLY A 573 3.08 -5.02 10.37
N GLY A 574 2.12 -4.74 11.26
CA GLY A 574 1.44 -3.48 11.27
C GLY A 574 1.42 -2.84 12.65
N PRO A 575 2.07 -1.68 12.78
CA PRO A 575 2.16 -1.02 14.09
C PRO A 575 0.81 -0.49 14.54
N PRO A 576 0.68 -0.11 15.82
CA PRO A 576 -0.60 0.44 16.30
C PRO A 576 -1.00 1.69 15.53
N CYS A 577 -2.31 1.83 15.33
CA CYS A 577 -2.89 2.88 14.52
C CYS A 577 -3.91 3.74 15.24
N GLN A 578 -3.90 3.76 16.57
CA GLN A 578 -4.80 4.64 17.31
C GLN A 578 -4.32 6.08 17.30
N GLY A 579 -3.00 6.29 17.33
CA GLY A 579 -2.48 7.64 17.38
C GLY A 579 -2.75 8.44 16.12
N PHE A 580 -2.58 7.81 14.96
CA PHE A 580 -2.75 8.50 13.68
C PHE A 580 -4.19 8.50 13.19
N SER A 581 -5.11 7.92 13.94
CA SER A 581 -6.50 7.84 13.48
C SER A 581 -7.17 9.21 13.55
N GLY A 582 -8.17 9.40 12.69
CA GLY A 582 -8.92 10.64 12.68
C GLY A 582 -10.00 10.73 13.73
N MET A 583 -10.51 9.59 14.21
CA MET A 583 -11.54 9.59 15.24
C MET A 583 -10.98 9.93 16.61
N ASN A 584 -9.67 9.79 16.81
CA ASN A 584 -9.06 10.04 18.11
C ASN A 584 -8.96 11.55 18.31
N ARG A 585 -9.82 12.10 19.16
CA ARG A 585 -9.80 13.52 19.47
C ARG A 585 -8.96 13.83 20.72
N PHE A 586 -8.27 12.84 21.26
CA PHE A 586 -7.36 13.02 22.38
C PHE A 586 -5.96 12.56 22.01
N ASN A 587 -5.55 12.86 20.78
CA ASN A 587 -4.29 12.35 20.26
C ASN A 587 -3.07 13.06 20.85
N GLN A 588 -3.24 14.23 21.43
CA GLN A 588 -2.14 14.95 22.07
C GLN A 588 -2.04 14.63 23.55
N SER A 589 -1.99 13.34 23.88
CA SER A 589 -1.88 12.87 25.25
C SER A 589 -0.64 12.00 25.41
N SER A 590 -0.29 11.71 26.65
CA SER A 590 0.89 10.89 26.92
C SER A 590 0.70 9.47 26.41
N TRP A 591 -0.51 8.91 26.53
CA TRP A 591 -0.76 7.55 26.09
C TRP A 591 -0.65 7.43 24.57
N SER A 592 -1.11 8.46 23.83
CA SER A 592 -1.07 8.39 22.37
C SER A 592 0.34 8.56 21.81
N LYS A 593 1.18 9.36 22.49
CA LYS A 593 2.53 9.57 21.99
C LYS A 593 3.35 8.29 22.01
N VAL A 594 3.22 7.49 23.08
CA VAL A 594 4.00 6.26 23.16
C VAL A 594 3.49 5.21 22.19
N GLN A 595 2.24 5.31 21.73
CA GLN A 595 1.74 4.38 20.73
C GLN A 595 2.28 4.71 19.34
N CYS A 596 2.54 5.98 19.07
CA CYS A 596 3.11 6.38 17.79
C CYS A 596 4.60 6.08 17.70
N GLU A 597 5.27 5.88 18.83
CA GLU A 597 6.70 5.61 18.83
C GLU A 597 7.04 4.19 18.42
N MET A 598 6.05 3.28 18.44
CA MET A 598 6.31 1.89 18.10
C MET A 598 6.92 1.74 16.71
N ILE A 599 6.57 2.65 15.79
CA ILE A 599 7.15 2.62 14.44
C ILE A 599 8.67 2.57 14.54
N LEU A 600 9.25 3.41 15.40
CA LEU A 600 10.69 3.42 15.58
C LEU A 600 11.21 2.02 15.88
N ALA A 601 10.60 1.35 16.87
CA ALA A 601 11.03 0.01 17.21
C ALA A 601 10.96 -0.90 15.98
N PHE A 602 9.87 -0.81 15.22
CA PHE A 602 9.75 -1.58 13.99
C PHE A 602 10.96 -1.35 13.10
N LEU A 603 11.31 -0.07 12.87
CA LEU A 603 12.44 0.22 12.01
C LEU A 603 13.71 -0.40 12.56
N SER A 604 13.89 -0.36 13.89
CA SER A 604 15.10 -0.93 14.49
C SER A 604 15.25 -2.39 14.09
N PHE A 605 14.15 -3.13 14.06
CA PHE A 605 14.22 -4.53 13.64
C PHE A 605 14.83 -4.63 12.25
N ALA A 606 14.28 -3.86 11.30
CA ALA A 606 14.80 -3.91 9.94
C ALA A 606 16.26 -3.50 9.88
N ASP A 607 16.71 -2.67 10.82
CA ASP A 607 18.12 -2.27 10.81
C ASP A 607 19.03 -3.36 11.34
N TYR A 608 18.52 -4.22 12.24
CA TYR A 608 19.42 -5.19 12.85
C TYR A 608 19.54 -6.47 12.03
N PHE A 609 18.44 -6.92 11.43
CA PHE A 609 18.46 -8.16 10.67
C PHE A 609 18.83 -7.95 9.21
N ARG A 610 18.54 -6.78 8.65
CA ARG A 610 18.78 -6.46 7.26
C ARG A 610 18.21 -7.53 6.32
N PRO A 611 16.90 -7.75 6.33
CA PRO A 611 16.31 -8.77 5.46
C PRO A 611 16.25 -8.29 4.02
N ARG A 612 15.89 -9.23 3.14
CA ARG A 612 15.78 -8.92 1.72
C ARG A 612 14.53 -8.12 1.38
N TYR A 613 13.51 -8.14 2.24
CA TYR A 613 12.28 -7.44 1.96
C TYR A 613 11.69 -6.91 3.26
N PHE A 614 10.84 -5.89 3.13
CA PHE A 614 10.22 -5.25 4.29
C PHE A 614 8.89 -4.65 3.85
N LEU A 615 7.86 -4.85 4.67
CA LEU A 615 6.52 -4.37 4.39
C LEU A 615 5.96 -3.64 5.60
N LEU A 616 5.30 -2.51 5.36
CA LEU A 616 4.69 -1.72 6.42
C LEU A 616 3.27 -1.35 6.03
N GLU A 617 2.34 -1.42 6.99
CA GLU A 617 0.94 -1.08 6.76
C GLU A 617 0.45 -0.17 7.88
N ASN A 618 -0.37 0.82 7.53
CA ASN A 618 -0.95 1.72 8.51
C ASN A 618 -2.19 2.37 7.91
N VAL A 619 -2.75 3.34 8.63
CA VAL A 619 -3.97 4.02 8.23
C VAL A 619 -3.68 5.02 7.12
N ARG A 620 -4.72 5.51 6.46
CA ARG A 620 -4.54 6.48 5.38
C ARG A 620 -3.98 7.79 5.92
N THR A 621 -4.43 8.22 7.10
CA THR A 621 -4.00 9.48 7.67
C THR A 621 -2.61 9.41 8.30
N PHE A 622 -1.89 8.30 8.12
CA PHE A 622 -0.52 8.22 8.62
C PHE A 622 0.42 9.10 7.82
N VAL A 623 0.18 9.26 6.51
CA VAL A 623 1.05 10.06 5.67
C VAL A 623 0.80 11.55 5.83
N SER A 624 -0.35 11.95 6.36
CA SER A 624 -0.67 13.36 6.54
C SER A 624 -0.62 13.81 7.99
N PHE A 625 -0.44 12.89 8.94
CA PHE A 625 -0.38 13.25 10.34
C PHE A 625 0.84 14.13 10.62
N ASN A 626 0.64 15.16 11.45
CA ASN A 626 1.70 16.09 11.84
C ASN A 626 2.39 16.69 10.61
N LYS A 627 1.58 17.25 9.71
CA LYS A 627 2.04 17.84 8.46
C LYS A 627 2.86 16.87 7.62
N GLY A 628 2.69 15.56 7.85
CA GLY A 628 3.46 14.57 7.13
C GLY A 628 4.91 14.47 7.53
N GLN A 629 5.29 15.03 8.68
CA GLN A 629 6.69 15.00 9.09
C GLN A 629 7.16 13.58 9.36
N THR A 630 6.51 12.90 10.32
CA THR A 630 6.96 11.59 10.76
C THR A 630 7.04 10.62 9.58
N PHE A 631 6.00 10.58 8.76
CA PHE A 631 6.01 9.79 7.53
C PHE A 631 7.32 9.99 6.78
N GLN A 632 7.63 11.25 6.45
CA GLN A 632 8.87 11.56 5.75
C GLN A 632 10.08 10.98 6.48
N LEU A 633 10.15 11.22 7.80
CA LEU A 633 11.25 10.70 8.59
C LEU A 633 11.40 9.20 8.38
N THR A 634 10.29 8.48 8.41
CA THR A 634 10.34 7.03 8.19
C THR A 634 11.09 6.70 6.92
N LEU A 635 10.68 7.32 5.81
CA LEU A 635 11.35 7.07 4.53
C LEU A 635 12.84 7.36 4.66
N ALA A 636 13.18 8.50 5.27
CA ALA A 636 14.59 8.86 5.42
C ALA A 636 15.35 7.75 6.11
N SER A 637 14.78 7.19 7.18
CA SER A 637 15.47 6.12 7.90
C SER A 637 15.79 4.97 6.96
N LEU A 638 14.80 4.55 6.17
CA LEU A 638 15.04 3.46 5.23
C LEU A 638 16.12 3.85 4.22
N LEU A 639 16.09 5.09 3.75
CA LEU A 639 17.09 5.54 2.80
C LEU A 639 18.48 5.55 3.40
N GLU A 640 18.60 5.63 4.73
CA GLU A 640 19.90 5.57 5.36
C GLU A 640 20.44 4.14 5.42
N MET A 641 19.57 3.14 5.31
CA MET A 641 19.99 1.75 5.39
C MET A 641 20.43 1.17 4.04
N GLY A 642 20.25 1.91 2.95
CA GLY A 642 20.57 1.41 1.64
C GLY A 642 19.44 0.68 0.94
N TYR A 643 18.21 0.87 1.39
CA TYR A 643 17.05 0.20 0.82
C TYR A 643 16.51 0.98 -0.38
N GLN A 644 15.72 0.28 -1.20
CA GLN A 644 14.86 0.92 -2.19
C GLN A 644 13.44 0.90 -1.64
N VAL A 645 12.81 2.08 -1.58
CA VAL A 645 11.54 2.27 -0.91
C VAL A 645 10.51 2.78 -1.90
N ARG A 646 9.28 2.28 -1.77
CA ARG A 646 8.14 2.82 -2.49
C ARG A 646 6.93 2.81 -1.57
N PHE A 647 5.96 3.68 -1.85
CA PHE A 647 4.82 3.87 -0.98
C PHE A 647 3.55 3.98 -1.80
N GLY A 648 2.42 3.70 -1.16
CA GLY A 648 1.14 3.80 -1.84
C GLY A 648 0.00 3.76 -0.85
N ILE A 649 -1.20 4.01 -1.36
CA ILE A 649 -2.43 3.94 -0.59
C ILE A 649 -3.44 3.12 -1.38
N LEU A 650 -3.97 2.07 -0.76
CA LEU A 650 -4.94 1.19 -1.39
C LEU A 650 -6.26 1.25 -0.65
N GLU A 651 -7.32 0.87 -1.35
CA GLU A 651 -8.66 0.77 -0.77
C GLU A 651 -9.10 -0.69 -0.83
N ALA A 652 -9.48 -1.24 0.33
CA ALA A 652 -9.83 -2.65 0.40
C ALA A 652 -11.17 -2.96 -0.26
N GLY A 653 -12.01 -1.95 -0.47
CA GLY A 653 -13.33 -2.19 -1.04
C GLY A 653 -13.32 -2.64 -2.48
N ALA A 654 -12.24 -2.37 -3.22
CA ALA A 654 -12.13 -2.74 -4.61
C ALA A 654 -11.50 -4.11 -4.82
N TYR A 655 -11.24 -4.85 -3.74
CA TYR A 655 -10.57 -6.15 -3.81
C TYR A 655 -11.49 -7.25 -3.30
N GLY A 656 -12.76 -7.22 -3.70
CA GLY A 656 -13.70 -8.26 -3.31
C GLY A 656 -14.17 -8.19 -1.87
N VAL A 657 -14.13 -7.01 -1.26
CA VAL A 657 -14.55 -6.81 0.12
C VAL A 657 -15.63 -5.75 0.14
N SER A 658 -16.71 -6.02 0.88
CA SER A 658 -17.86 -5.12 0.96
C SER A 658 -17.73 -4.10 2.09
N GLN A 659 -16.52 -3.72 2.45
CA GLN A 659 -16.29 -2.73 3.49
C GLN A 659 -15.33 -1.67 2.98
N SER A 660 -15.63 -0.41 3.27
CA SER A 660 -14.77 0.70 2.88
C SER A 660 -13.59 0.79 3.83
N ARG A 661 -12.38 0.64 3.30
CA ARG A 661 -11.18 0.62 4.14
C ARG A 661 -10.01 1.14 3.32
N LYS A 662 -9.41 2.23 3.77
CA LYS A 662 -8.27 2.85 3.10
C LYS A 662 -7.02 2.66 3.95
N ARG A 663 -6.00 2.03 3.39
CA ARG A 663 -4.78 1.73 4.14
C ARG A 663 -3.55 2.10 3.32
N ALA A 664 -2.54 2.63 3.99
CA ALA A 664 -1.28 3.01 3.37
C ALA A 664 -0.25 1.90 3.56
N PHE A 665 0.48 1.60 2.48
CA PHE A 665 1.48 0.54 2.47
C PHE A 665 2.82 1.08 2.02
N ILE A 666 3.88 0.48 2.54
CA ILE A 666 5.26 0.83 2.20
C ILE A 666 6.03 -0.45 1.92
N TRP A 667 6.66 -0.51 0.75
CA TRP A 667 7.50 -1.62 0.32
C TRP A 667 8.96 -1.20 0.38
N ALA A 668 9.82 -2.08 0.88
CA ALA A 668 11.25 -1.83 0.93
C ALA A 668 11.99 -3.08 0.50
N ALA A 669 13.01 -2.90 -0.33
CA ALA A 669 13.75 -4.03 -0.89
C ALA A 669 15.25 -3.73 -0.88
N ALA A 670 16.04 -4.81 -0.90
CA ALA A 670 17.49 -4.69 -0.94
C ALA A 670 17.94 -4.20 -2.31
N PRO A 671 19.14 -3.61 -2.39
CA PRO A 671 19.59 -3.06 -3.68
C PRO A 671 19.67 -4.09 -4.79
N GLU A 672 19.99 -5.34 -4.48
CA GLU A 672 20.12 -6.37 -5.51
C GLU A 672 18.79 -6.97 -5.94
N GLU A 673 17.71 -6.72 -5.19
CA GLU A 673 16.42 -7.33 -5.48
C GLU A 673 15.61 -6.41 -6.39
N VAL A 674 14.33 -6.73 -6.58
CA VAL A 674 13.44 -6.00 -7.46
C VAL A 674 12.20 -5.59 -6.66
N LEU A 675 11.86 -4.31 -6.72
CA LEU A 675 10.68 -3.83 -5.99
C LEU A 675 9.40 -4.35 -6.66
N PRO A 676 8.43 -4.79 -5.87
CA PRO A 676 7.17 -5.29 -6.45
C PRO A 676 6.28 -4.17 -6.95
N GLU A 677 5.38 -4.54 -7.84
CA GLU A 677 4.38 -3.62 -8.36
C GLU A 677 3.13 -3.64 -7.48
N TRP A 678 2.25 -2.68 -7.72
CA TRP A 678 1.04 -2.68 -6.92
C TRP A 678 -0.03 -3.57 -7.56
N PRO A 679 -0.84 -4.25 -6.76
CA PRO A 679 -1.92 -5.06 -7.33
C PRO A 679 -2.98 -4.19 -8.00
N GLU A 680 -3.61 -4.76 -9.03
CA GLU A 680 -4.60 -4.04 -9.81
C GLU A 680 -5.99 -4.33 -9.29
N PRO A 681 -6.74 -3.33 -8.83
CA PRO A 681 -8.10 -3.59 -8.33
C PRO A 681 -9.03 -4.03 -9.44
N MET A 682 -10.01 -4.87 -9.08
CA MET A 682 -10.91 -5.46 -10.06
C MET A 682 -12.39 -5.32 -9.71
N HIS A 683 -12.74 -4.61 -8.64
CA HIS A 683 -14.13 -4.42 -8.24
C HIS A 683 -14.46 -2.93 -8.24
N VAL A 684 -15.64 -2.60 -8.74
CA VAL A 684 -16.05 -1.20 -8.86
C VAL A 684 -16.52 -0.70 -7.50
N PHE A 685 -15.90 0.37 -7.01
CA PHE A 685 -16.23 0.99 -5.75
C PHE A 685 -16.28 2.50 -5.96
N GLY A 686 -17.24 3.17 -5.32
CA GLY A 686 -17.34 4.59 -5.52
C GLY A 686 -16.46 5.37 -4.57
N VAL A 687 -15.25 5.69 -5.03
CA VAL A 687 -14.24 6.40 -4.25
C VAL A 687 -13.36 7.16 -5.24
N PRO A 688 -13.06 8.43 -5.00
CA PRO A 688 -12.15 9.16 -5.90
C PRO A 688 -10.73 8.65 -5.77
N LYS A 689 -9.87 9.17 -6.65
CA LYS A 689 -8.46 8.79 -6.62
C LYS A 689 -7.82 9.22 -5.31
N LEU A 690 -7.08 8.31 -4.69
CA LEU A 690 -6.36 8.58 -3.45
C LEU A 690 -4.92 8.89 -3.80
N LYS A 691 -4.51 10.14 -3.61
CA LYS A 691 -3.19 10.60 -4.01
C LYS A 691 -2.41 11.08 -2.80
N ILE A 692 -1.10 10.88 -2.87
CA ILE A 692 -0.16 11.35 -1.86
C ILE A 692 0.52 12.61 -2.38
N SER A 693 0.60 13.63 -1.54
CA SER A 693 1.12 14.93 -1.94
C SER A 693 2.64 14.93 -1.88
N LEU A 694 3.28 15.00 -3.04
CA LEU A 694 4.72 15.19 -3.13
C LEU A 694 5.02 16.68 -2.95
N SER A 695 6.26 17.08 -3.24
CA SER A 695 6.64 18.48 -3.12
C SER A 695 6.43 19.20 -4.44
N GLN A 696 6.54 20.54 -4.39
CA GLN A 696 6.42 21.42 -5.55
C GLN A 696 5.09 21.22 -6.29
N GLY A 697 4.02 20.99 -5.54
CA GLY A 697 2.70 20.89 -6.13
C GLY A 697 2.51 19.71 -7.07
N LEU A 698 3.00 18.54 -6.68
CA LEU A 698 2.80 17.31 -7.44
C LEU A 698 2.15 16.25 -6.55
N HIS A 699 1.43 15.33 -7.18
CA HIS A 699 0.72 14.28 -6.48
C HIS A 699 0.98 12.95 -7.16
N TYR A 700 0.94 11.87 -6.38
CA TYR A 700 1.16 10.52 -6.90
C TYR A 700 0.01 9.62 -6.49
N ALA A 701 -0.56 8.90 -7.44
CA ALA A 701 -1.61 7.92 -7.18
C ALA A 701 -1.09 6.53 -7.51
N ALA A 702 -1.09 5.65 -6.51
CA ALA A 702 -0.53 4.32 -6.69
C ALA A 702 -1.39 3.48 -7.65
N VAL A 703 -2.71 3.51 -7.48
CA VAL A 703 -3.62 2.76 -8.33
C VAL A 703 -4.72 3.69 -8.80
N ARG A 704 -5.34 3.31 -9.91
CA ARG A 704 -6.40 4.09 -10.51
C ARG A 704 -7.68 3.99 -9.69
N SER A 705 -8.53 5.00 -9.83
CA SER A 705 -9.87 4.95 -9.26
C SER A 705 -10.77 4.07 -10.12
N THR A 706 -11.66 3.32 -9.48
CA THR A 706 -12.51 2.36 -10.16
C THR A 706 -13.98 2.76 -10.13
N ALA A 707 -14.27 4.03 -9.86
CA ALA A 707 -15.66 4.47 -9.76
C ALA A 707 -16.37 4.41 -11.11
N LEU A 708 -15.65 4.69 -12.19
CA LEU A 708 -16.26 4.79 -13.51
C LEU A 708 -16.27 3.46 -14.27
N GLY A 709 -15.64 2.41 -13.73
CA GLY A 709 -15.65 1.13 -14.41
C GLY A 709 -14.68 0.11 -13.84
N ALA A 710 -15.07 -1.17 -13.89
CA ALA A 710 -14.24 -2.25 -13.39
C ALA A 710 -14.78 -3.55 -13.97
N PRO A 711 -13.98 -4.63 -13.92
CA PRO A 711 -14.51 -5.92 -14.43
C PRO A 711 -15.64 -6.49 -13.61
N PHE A 712 -15.56 -6.42 -12.29
CA PHE A 712 -16.48 -7.13 -11.41
C PHE A 712 -17.37 -6.15 -10.64
N ARG A 713 -18.64 -6.53 -10.48
CA ARG A 713 -19.59 -5.73 -9.71
C ARG A 713 -19.25 -5.80 -8.23
N PRO A 714 -19.68 -4.80 -7.45
CA PRO A 714 -19.35 -4.77 -6.02
C PRO A 714 -20.15 -5.80 -5.24
N ILE A 715 -19.69 -6.05 -4.02
CA ILE A 715 -20.28 -7.04 -3.12
C ILE A 715 -21.20 -6.33 -2.15
N THR A 716 -22.41 -6.87 -1.97
CA THR A 716 -23.37 -6.33 -1.03
C THR A 716 -23.40 -7.16 0.25
N VAL A 717 -24.21 -6.72 1.21
CA VAL A 717 -24.25 -7.44 2.49
C VAL A 717 -25.11 -8.69 2.38
N ARG A 718 -26.08 -8.70 1.47
CA ARG A 718 -26.87 -9.93 1.28
C ARG A 718 -26.02 -11.02 0.65
N ASP A 719 -24.99 -10.64 -0.12
CA ASP A 719 -24.04 -11.61 -0.63
C ASP A 719 -23.11 -12.15 0.45
N THR A 720 -23.13 -11.57 1.64
CA THR A 720 -22.20 -11.90 2.71
C THR A 720 -22.85 -12.61 3.89
N ILE A 721 -23.97 -12.09 4.39
CA ILE A 721 -24.58 -12.59 5.62
C ILE A 721 -26.01 -13.07 5.38
N GLY A 722 -26.38 -13.30 4.13
CA GLY A 722 -27.75 -13.68 3.83
C GLY A 722 -28.09 -15.14 4.02
N ASP A 723 -27.12 -15.97 4.45
CA ASP A 723 -27.34 -17.41 4.55
C ASP A 723 -27.42 -17.91 5.99
N LEU A 724 -26.93 -17.16 6.96
CA LEU A 724 -26.89 -17.63 8.33
C LEU A 724 -28.30 -17.75 8.90
N PRO A 725 -28.54 -18.74 9.77
CA PRO A 725 -29.85 -18.85 10.42
C PRO A 725 -30.10 -17.68 11.36
N SER A 726 -31.38 -17.33 11.48
CA SER A 726 -31.77 -16.20 12.32
C SER A 726 -31.53 -16.52 13.80
N VAL A 727 -31.03 -15.54 14.54
CA VAL A 727 -30.80 -15.66 15.97
C VAL A 727 -31.45 -14.49 16.68
N GLU A 728 -31.59 -14.62 18.00
CA GLU A 728 -32.19 -13.59 18.82
C GLU A 728 -31.11 -12.77 19.51
N ASN A 729 -31.54 -11.75 20.25
CA ASN A 729 -30.62 -10.86 20.92
C ASN A 729 -29.88 -11.58 22.03
N GLY A 730 -28.57 -11.33 22.12
CA GLY A 730 -27.77 -11.86 23.21
C GLY A 730 -27.59 -13.36 23.23
N ASP A 731 -27.47 -13.98 22.06
CA ASP A 731 -27.20 -15.41 22.00
C ASP A 731 -25.76 -15.69 22.45
N SER A 732 -25.56 -16.86 23.06
CA SER A 732 -24.26 -17.23 23.61
C SER A 732 -23.83 -18.64 23.24
N ARG A 733 -24.59 -19.35 22.41
CA ARG A 733 -24.23 -20.70 22.01
C ARG A 733 -23.12 -20.64 20.96
N THR A 734 -21.93 -21.11 21.33
CA THR A 734 -20.78 -20.97 20.44
C THR A 734 -20.89 -21.88 19.23
N ASN A 735 -21.27 -23.14 19.43
CA ASN A 735 -21.29 -24.14 18.38
C ASN A 735 -22.71 -24.30 17.85
N LYS A 736 -22.88 -24.09 16.54
CA LYS A 736 -24.16 -24.26 15.87
C LYS A 736 -23.94 -25.00 14.56
N GLU A 737 -25.01 -25.14 13.79
CA GLU A 737 -24.95 -25.82 12.50
C GLU A 737 -25.61 -24.97 11.43
N TYR A 738 -25.08 -25.05 10.21
CA TYR A 738 -25.69 -24.35 9.08
C TYR A 738 -27.02 -25.00 8.74
N LYS A 739 -28.02 -24.16 8.47
CA LYS A 739 -29.36 -24.66 8.20
C LYS A 739 -29.73 -24.62 6.71
N GLU A 740 -29.10 -23.76 5.93
CA GLU A 740 -29.38 -23.68 4.50
C GLU A 740 -28.07 -23.70 3.73
N VAL A 741 -28.12 -24.28 2.53
CA VAL A 741 -26.93 -24.35 1.69
C VAL A 741 -26.58 -22.97 1.17
N ALA A 742 -25.30 -22.77 0.85
CA ALA A 742 -24.85 -21.49 0.34
C ALA A 742 -25.39 -21.25 -1.06
N VAL A 743 -25.69 -19.99 -1.35
CA VAL A 743 -26.28 -19.59 -2.64
C VAL A 743 -25.36 -18.63 -3.39
N SER A 744 -24.92 -17.57 -2.73
CA SER A 744 -24.11 -16.55 -3.40
C SER A 744 -22.71 -17.08 -3.70
N TRP A 745 -22.06 -16.42 -4.65
CA TRP A 745 -20.68 -16.75 -4.98
C TRP A 745 -19.76 -16.50 -3.79
N PHE A 746 -19.96 -15.38 -3.09
CA PHE A 746 -19.15 -15.08 -1.92
C PHE A 746 -19.35 -16.10 -0.82
N GLN A 747 -20.58 -16.55 -0.61
CA GLN A 747 -20.85 -17.56 0.40
C GLN A 747 -20.14 -18.87 0.08
N LYS A 748 -20.21 -19.30 -1.18
CA LYS A 748 -19.52 -20.52 -1.58
C LYS A 748 -18.02 -20.39 -1.42
N GLU A 749 -17.47 -19.21 -1.74
CA GLU A 749 -16.04 -19.00 -1.58
C GLU A 749 -15.63 -18.98 -0.12
N ILE A 750 -16.47 -18.44 0.76
CA ILE A 750 -16.08 -18.25 2.15
C ILE A 750 -16.40 -19.44 3.04
N ARG A 751 -17.26 -20.36 2.60
CA ARG A 751 -17.57 -21.53 3.43
C ARG A 751 -16.63 -22.69 3.13
N GLY A 752 -16.62 -23.16 1.89
CA GLY A 752 -15.79 -24.31 1.56
C GLY A 752 -16.38 -25.60 2.10
N ASN A 753 -15.53 -26.42 2.69
CA ASN A 753 -15.93 -27.73 3.21
C ASN A 753 -16.28 -27.71 4.68
N THR A 754 -16.26 -26.54 5.32
CA THR A 754 -16.58 -26.45 6.74
C THR A 754 -18.05 -26.80 6.98
N ILE A 755 -18.29 -27.58 8.03
CA ILE A 755 -19.64 -27.98 8.42
C ILE A 755 -20.00 -27.56 9.83
N ALA A 756 -19.10 -26.90 10.55
CA ALA A 756 -19.33 -26.52 11.95
C ALA A 756 -19.41 -25.00 12.03
N LEU A 757 -20.59 -24.48 12.37
CA LEU A 757 -20.77 -23.05 12.58
C LEU A 757 -20.21 -22.66 13.94
N THR A 758 -19.53 -21.50 13.98
CA THR A 758 -18.89 -21.05 15.20
C THR A 758 -18.95 -19.53 15.29
N ASP A 759 -19.02 -19.04 16.52
CA ASP A 759 -18.95 -17.60 16.83
C ASP A 759 -20.09 -16.81 16.20
N HIS A 760 -21.24 -17.45 16.01
CA HIS A 760 -22.43 -16.76 15.52
C HIS A 760 -23.27 -16.27 16.69
N ILE A 761 -22.68 -15.37 17.48
CA ILE A 761 -23.27 -14.89 18.71
C ILE A 761 -23.15 -13.37 18.76
N CYS A 762 -24.06 -12.75 19.52
CA CYS A 762 -24.11 -11.31 19.65
C CYS A 762 -24.26 -10.92 21.11
N LYS A 763 -23.86 -9.69 21.43
CA LYS A 763 -23.93 -9.18 22.79
C LYS A 763 -25.31 -8.58 23.06
N ALA A 764 -25.83 -8.85 24.25
CA ALA A 764 -27.17 -8.44 24.61
C ALA A 764 -27.24 -6.94 24.91
N MET A 765 -28.44 -6.39 24.77
CA MET A 765 -28.72 -5.00 25.07
C MET A 765 -29.76 -4.92 26.18
N ASN A 766 -29.80 -3.78 26.86
CA ASN A 766 -30.79 -3.56 27.90
C ASN A 766 -32.16 -3.29 27.27
N GLU A 767 -33.17 -3.11 28.12
CA GLU A 767 -34.54 -2.96 27.64
C GLU A 767 -34.72 -1.69 26.82
N LEU A 768 -34.11 -0.58 27.25
CA LEU A 768 -34.29 0.68 26.55
C LEU A 768 -33.78 0.62 25.12
N ASN A 769 -32.56 0.09 24.95
CA ASN A 769 -32.00 -0.03 23.61
C ASN A 769 -32.78 -1.03 22.77
N LEU A 770 -33.30 -2.10 23.40
CA LEU A 770 -34.13 -3.04 22.66
C LEU A 770 -35.41 -2.38 22.14
N ILE A 771 -36.05 -1.55 22.96
CA ILE A 771 -37.25 -0.83 22.51
C ILE A 771 -36.89 0.13 21.39
N ARG A 772 -35.78 0.85 21.54
CA ARG A 772 -35.36 1.77 20.48
C ARG A 772 -35.13 1.03 19.18
N CYS A 773 -34.46 -0.13 19.23
CA CYS A 773 -34.24 -0.91 18.02
C CYS A 773 -35.55 -1.44 17.44
N LYS A 774 -36.50 -1.80 18.30
CA LYS A 774 -37.80 -2.26 17.83
C LYS A 774 -38.54 -1.17 17.07
N LEU A 775 -38.43 0.07 17.54
CA LEU A 775 -39.16 1.16 16.89
C LEU A 775 -38.50 1.66 15.60
N ILE A 776 -37.31 1.21 15.28
CA ILE A 776 -36.63 1.66 14.06
C ILE A 776 -37.24 0.97 12.85
N PRO A 777 -37.69 1.72 11.84
CA PRO A 777 -38.26 1.07 10.65
C PRO A 777 -37.21 0.29 9.88
N THR A 778 -37.67 -0.77 9.21
CA THR A 778 -36.79 -1.61 8.40
C THR A 778 -36.75 -1.10 6.96
N ARG A 779 -36.24 0.13 6.82
CA ARG A 779 -36.16 0.79 5.53
C ARG A 779 -34.75 1.33 5.31
N PRO A 780 -34.25 1.31 4.08
CA PRO A 780 -32.92 1.88 3.82
C PRO A 780 -32.83 3.34 4.23
N GLY A 781 -31.70 3.71 4.82
CA GLY A 781 -31.48 5.06 5.27
C GLY A 781 -32.07 5.41 6.61
N ALA A 782 -32.66 4.46 7.32
CA ALA A 782 -33.27 4.73 8.61
C ALA A 782 -32.20 4.97 9.67
N ASP A 783 -32.51 5.87 10.60
CA ASP A 783 -31.60 6.22 11.69
C ASP A 783 -32.42 6.78 12.84
N TRP A 784 -31.74 7.43 13.79
CA TRP A 784 -32.40 7.91 15.00
C TRP A 784 -33.41 9.02 14.76
N HIS A 785 -33.44 9.61 13.57
CA HIS A 785 -34.40 10.67 13.29
C HIS A 785 -35.84 10.16 13.24
N ASP A 786 -36.05 8.85 13.20
CA ASP A 786 -37.38 8.26 13.15
C ASP A 786 -37.94 7.93 14.51
N LEU A 787 -37.21 8.21 15.58
CA LEU A 787 -37.68 7.90 16.93
C LEU A 787 -38.77 8.87 17.35
N PRO A 788 -39.97 8.42 17.68
CA PRO A 788 -41.01 9.34 18.15
C PRO A 788 -40.67 9.91 19.52
N LYS A 789 -41.20 11.10 19.78
CA LYS A 789 -40.94 11.81 21.03
C LYS A 789 -41.96 11.36 22.07
N ARG A 790 -41.52 10.52 23.01
CA ARG A 790 -42.39 10.03 24.07
C ARG A 790 -41.53 9.56 25.23
N LYS A 791 -42.17 9.42 26.39
CA LYS A 791 -41.52 8.89 27.58
C LYS A 791 -42.00 7.46 27.82
N VAL A 792 -41.06 6.57 28.14
CA VAL A 792 -41.34 5.15 28.28
C VAL A 792 -41.11 4.74 29.73
N THR A 793 -42.01 3.92 30.25
CA THR A 793 -41.91 3.40 31.62
C THR A 793 -41.31 2.01 31.56
N LEU A 794 -40.16 1.83 32.20
CA LEU A 794 -39.49 0.54 32.21
C LEU A 794 -40.08 -0.37 33.28
N SER A 795 -39.77 -1.67 33.17
CA SER A 795 -40.27 -2.63 34.13
C SER A 795 -39.71 -2.41 35.52
N ASP A 796 -38.49 -1.85 35.61
CA ASP A 796 -37.91 -1.58 36.92
C ASP A 796 -38.71 -0.55 37.69
N GLY A 797 -39.18 0.49 37.00
CA GLY A 797 -39.95 1.53 37.65
C GLY A 797 -39.47 2.94 37.35
N ARG A 798 -38.61 3.08 36.34
CA ARG A 798 -38.07 4.37 35.94
C ARG A 798 -38.65 4.80 34.61
N VAL A 799 -38.94 6.09 34.48
CA VAL A 799 -39.42 6.68 33.24
C VAL A 799 -38.25 7.33 32.53
N GLU A 800 -38.11 7.07 31.23
CA GLU A 800 -36.98 7.54 30.46
C GLU A 800 -37.44 8.17 29.16
N GLU A 801 -36.69 9.19 28.73
CA GLU A 801 -36.92 9.80 27.43
C GLU A 801 -36.42 8.87 26.33
N MET A 802 -37.20 8.77 25.25
CA MET A 802 -36.80 7.92 24.14
C MET A 802 -35.55 8.45 23.45
N ILE A 803 -35.48 9.75 23.21
CA ILE A 803 -34.31 10.35 22.55
C ILE A 803 -33.14 10.38 23.52
N PRO A 804 -31.93 9.99 23.10
CA PRO A 804 -30.80 9.98 24.04
C PRO A 804 -30.40 11.36 24.55
N PHE A 805 -30.87 12.44 23.93
CA PHE A 805 -30.65 13.82 24.35
C PHE A 805 -29.22 14.28 24.05
N CYS A 806 -28.35 13.34 23.65
CA CYS A 806 -27.01 13.71 23.22
C CYS A 806 -26.90 13.90 21.71
N LEU A 807 -27.83 13.33 20.95
CA LEU A 807 -27.83 13.50 19.50
C LEU A 807 -28.42 14.84 19.10
N PRO A 808 -29.59 15.25 19.63
CA PRO A 808 -30.07 16.61 19.33
C PRO A 808 -29.23 17.70 19.97
N ASN A 809 -28.44 17.38 20.99
CA ASN A 809 -27.64 18.40 21.66
C ASN A 809 -26.56 18.94 20.74
N THR A 810 -25.93 18.07 19.96
CA THR A 810 -24.79 18.44 19.12
C THR A 810 -24.99 17.89 17.70
N ALA A 811 -26.17 18.12 17.14
CA ALA A 811 -26.45 17.69 15.78
C ALA A 811 -26.06 18.73 14.73
N GLU A 812 -25.83 19.97 15.13
CA GLU A 812 -25.46 21.00 14.17
C GLU A 812 -24.04 20.79 13.66
N ARG A 813 -23.10 20.55 14.58
CA ARG A 813 -21.70 20.43 14.18
C ARG A 813 -21.43 19.12 13.45
N HIS A 814 -21.92 18.01 13.99
CA HIS A 814 -21.60 16.70 13.43
C HIS A 814 -22.65 16.21 12.43
N ASN A 815 -23.01 17.07 11.47
CA ASN A 815 -23.83 16.70 10.31
C ASN A 815 -25.16 16.05 10.72
N GLY A 816 -25.61 16.25 11.95
CA GLY A 816 -26.83 15.62 12.41
C GLY A 816 -26.69 14.18 12.82
N TRP A 817 -25.46 13.67 12.95
CA TRP A 817 -25.20 12.28 13.33
C TRP A 817 -25.90 11.31 12.37
N LYS A 818 -25.64 11.48 11.08
CA LYS A 818 -26.26 10.64 10.06
C LYS A 818 -25.69 9.23 10.15
N GLY A 819 -26.47 8.29 10.69
CA GLY A 819 -26.04 6.92 10.79
C GLY A 819 -26.19 6.31 12.16
N LEU A 820 -26.29 7.16 13.19
CA LEU A 820 -26.43 6.68 14.55
C LEU A 820 -27.75 5.95 14.71
N TYR A 821 -27.70 4.80 15.40
CA TYR A 821 -28.86 3.92 15.57
C TYR A 821 -29.46 3.54 14.22
N GLY A 822 -28.59 3.30 13.25
CA GLY A 822 -29.00 3.00 11.89
C GLY A 822 -28.91 1.53 11.55
N ARG A 823 -29.77 1.10 10.64
CA ARG A 823 -29.81 -0.27 10.16
C ARG A 823 -28.95 -0.42 8.90
N LEU A 824 -28.47 -1.64 8.68
CA LEU A 824 -27.73 -1.93 7.46
C LEU A 824 -28.68 -1.97 6.26
N ASP A 825 -28.08 -1.91 5.08
CA ASP A 825 -28.81 -1.90 3.82
C ASP A 825 -28.60 -3.23 3.11
N TRP A 826 -29.69 -3.87 2.69
CA TRP A 826 -29.58 -5.12 1.95
C TRP A 826 -28.73 -4.95 0.70
N GLN A 827 -28.92 -3.84 0.00
CA GLN A 827 -28.18 -3.54 -1.23
C GLN A 827 -26.98 -2.64 -0.98
N GLY A 828 -26.69 -2.30 0.27
CA GLY A 828 -25.59 -1.42 0.61
C GLY A 828 -24.31 -2.18 0.87
N ASN A 829 -23.46 -1.59 1.72
CA ASN A 829 -22.20 -2.22 2.11
C ASN A 829 -21.95 -1.96 3.59
N PHE A 830 -21.06 -2.77 4.16
CA PHE A 830 -20.70 -2.61 5.56
C PHE A 830 -19.90 -1.32 5.75
N PRO A 831 -19.98 -0.72 6.94
CA PRO A 831 -19.07 0.38 7.28
C PRO A 831 -17.69 -0.16 7.62
N THR A 832 -16.80 0.74 8.02
CA THR A 832 -15.46 0.35 8.43
C THR A 832 -15.53 -0.42 9.75
N SER A 833 -14.88 -1.57 9.79
CA SER A 833 -14.88 -2.40 10.99
C SER A 833 -14.09 -1.74 12.10
N VAL A 834 -14.64 -1.79 13.31
CA VAL A 834 -14.02 -1.22 14.50
C VAL A 834 -14.01 -2.29 15.59
N THR A 835 -13.36 -1.95 16.70
CA THR A 835 -13.19 -2.90 17.79
C THR A 835 -14.41 -3.02 18.69
N ASP A 836 -15.43 -2.18 18.50
CA ASP A 836 -16.61 -2.24 19.36
C ASP A 836 -17.83 -1.68 18.63
N PRO A 837 -18.51 -2.48 17.83
CA PRO A 837 -19.71 -2.01 17.09
C PRO A 837 -20.95 -1.88 17.97
N GLN A 838 -21.06 -0.74 18.65
CA GLN A 838 -22.18 -0.40 19.52
C GLN A 838 -23.07 0.63 18.85
N PRO A 839 -24.36 0.69 19.20
CA PRO A 839 -25.30 1.51 18.42
C PRO A 839 -25.06 3.01 18.47
N MET A 840 -24.30 3.51 19.45
CA MET A 840 -24.05 4.94 19.58
C MET A 840 -22.54 5.18 19.51
N GLY A 841 -22.03 5.29 18.29
CA GLY A 841 -20.62 5.53 18.08
C GLY A 841 -20.40 6.40 16.87
N LYS A 842 -19.16 6.84 16.69
CA LYS A 842 -18.84 7.74 15.59
C LYS A 842 -19.12 7.09 14.24
N VAL A 843 -19.03 5.77 14.15
CA VAL A 843 -19.32 5.07 12.91
C VAL A 843 -20.80 4.70 12.80
N GLY A 844 -21.33 4.05 13.82
CA GLY A 844 -22.72 3.65 13.79
C GLY A 844 -22.97 2.58 12.73
N MET A 845 -24.25 2.50 12.33
CA MET A 845 -24.68 1.59 11.26
C MET A 845 -24.32 0.14 11.58
N CYS A 846 -24.84 -0.33 12.72
CA CYS A 846 -24.49 -1.66 13.22
C CYS A 846 -25.72 -2.49 13.57
N PHE A 847 -26.87 -2.19 12.99
CA PHE A 847 -28.08 -2.95 13.20
C PHE A 847 -28.32 -3.90 12.04
N HIS A 848 -28.92 -5.05 12.34
CA HIS A 848 -29.29 -5.99 11.30
C HIS A 848 -30.37 -5.40 10.41
N PRO A 849 -30.35 -5.69 9.11
CA PRO A 849 -31.36 -5.13 8.21
C PRO A 849 -32.80 -5.45 8.61
N GLU A 850 -33.06 -6.62 9.19
CA GLU A 850 -34.42 -7.03 9.49
C GLU A 850 -34.63 -7.57 10.89
N GLN A 851 -33.58 -7.85 11.65
CA GLN A 851 -33.71 -8.41 12.98
C GLN A 851 -33.30 -7.40 14.04
N HIS A 852 -33.97 -7.47 15.20
CA HIS A 852 -33.73 -6.52 16.29
C HIS A 852 -32.55 -7.01 17.14
N ARG A 853 -31.35 -6.86 16.57
CA ARG A 853 -30.14 -7.30 17.24
C ARG A 853 -28.94 -6.63 16.57
N ILE A 854 -27.79 -6.76 17.24
CA ILE A 854 -26.53 -6.31 16.69
C ILE A 854 -25.91 -7.43 15.87
N LEU A 855 -25.05 -7.08 14.91
CA LEU A 855 -24.39 -8.07 14.09
C LEU A 855 -23.49 -8.96 14.94
N THR A 856 -23.40 -10.23 14.55
CA THR A 856 -22.60 -11.20 15.28
C THR A 856 -21.14 -11.12 14.87
N VAL A 857 -20.30 -11.84 15.61
CA VAL A 857 -18.86 -11.84 15.33
C VAL A 857 -18.58 -12.50 13.99
N ARG A 858 -19.27 -13.60 13.70
CA ARG A 858 -19.05 -14.30 12.42
C ARG A 858 -19.42 -13.42 11.25
N GLU A 859 -20.47 -12.60 11.39
CA GLU A 859 -20.85 -11.68 10.33
C GLU A 859 -19.76 -10.64 10.09
N CYS A 860 -19.18 -10.12 11.16
CA CYS A 860 -18.07 -9.17 11.01
C CYS A 860 -16.87 -9.83 10.35
N ALA A 861 -16.59 -11.09 10.71
CA ALA A 861 -15.50 -11.81 10.07
C ALA A 861 -15.77 -11.98 8.58
N ARG A 862 -17.00 -12.32 8.21
CA ARG A 862 -17.35 -12.47 6.81
C ARG A 862 -17.22 -11.14 6.07
N SER A 863 -17.60 -10.05 6.71
CA SER A 863 -17.42 -8.73 6.10
C SER A 863 -15.94 -8.43 5.87
N GLN A 864 -15.09 -8.76 6.84
CA GLN A 864 -13.66 -8.52 6.71
C GLN A 864 -12.96 -9.52 5.80
N GLY A 865 -13.63 -10.60 5.40
CA GLY A 865 -13.06 -11.55 4.46
C GLY A 865 -12.42 -12.78 5.08
N PHE A 866 -12.58 -13.01 6.37
CA PHE A 866 -12.04 -14.21 6.99
C PHE A 866 -12.82 -15.44 6.52
N PRO A 867 -12.15 -16.56 6.31
CA PRO A 867 -12.87 -17.80 5.97
C PRO A 867 -13.57 -18.38 7.20
N ASP A 868 -14.51 -19.28 6.93
CA ASP A 868 -15.29 -19.87 8.00
C ASP A 868 -14.50 -20.88 8.83
N SER A 869 -13.33 -21.30 8.37
CA SER A 869 -12.49 -22.21 9.13
C SER A 869 -11.64 -21.50 10.17
N TYR A 870 -11.57 -20.17 10.15
CA TYR A 870 -10.76 -19.43 11.10
C TYR A 870 -11.37 -19.50 12.49
N GLU A 871 -10.52 -19.35 13.50
CA GLU A 871 -10.94 -19.48 14.89
C GLU A 871 -10.51 -18.25 15.68
N PHE A 872 -11.23 -18.00 16.77
CA PHE A 872 -10.96 -16.88 17.65
C PHE A 872 -11.06 -17.34 19.09
N ALA A 873 -10.44 -16.59 19.99
CA ALA A 873 -10.34 -16.97 21.39
C ALA A 873 -10.79 -15.82 22.29
N GLY A 874 -11.20 -16.18 23.49
CA GLY A 874 -11.65 -15.21 24.48
C GLY A 874 -13.15 -15.09 24.56
N ASN A 875 -13.59 -14.00 25.17
CA ASN A 875 -15.01 -13.68 25.23
C ASN A 875 -15.42 -12.94 23.95
N ILE A 876 -16.65 -12.44 23.91
CA ILE A 876 -17.15 -11.80 22.69
C ILE A 876 -16.42 -10.49 22.42
N ASN A 877 -16.10 -9.73 23.48
CA ASN A 877 -15.40 -8.46 23.30
C ASN A 877 -14.01 -8.68 22.73
N HIS A 878 -13.30 -9.68 23.24
CA HIS A 878 -11.95 -9.97 22.75
C HIS A 878 -11.99 -10.40 21.29
N LYS A 879 -12.98 -11.21 20.91
CA LYS A 879 -13.11 -11.63 19.51
C LYS A 879 -13.42 -10.45 18.61
N HIS A 880 -14.31 -9.55 19.04
CA HIS A 880 -14.59 -8.37 18.24
C HIS A 880 -13.35 -7.50 18.07
N ARG A 881 -12.58 -7.34 19.16
CA ARG A 881 -11.34 -6.57 19.06
C ARG A 881 -10.34 -7.23 18.11
N GLN A 882 -10.26 -8.55 18.14
CA GLN A 882 -9.39 -9.26 17.19
C GLN A 882 -9.82 -9.01 15.76
N ILE A 883 -11.13 -9.04 15.51
CA ILE A 883 -11.64 -8.79 14.16
C ILE A 883 -11.31 -7.36 13.72
N GLY A 884 -11.49 -6.39 14.61
CA GLY A 884 -11.37 -4.99 14.23
C GLY A 884 -9.95 -4.52 13.99
N ASN A 885 -8.94 -5.31 14.36
CA ASN A 885 -7.55 -4.91 14.22
C ASN A 885 -6.82 -5.65 13.10
N ALA A 886 -7.54 -6.42 12.29
CA ALA A 886 -6.91 -7.31 11.33
C ALA A 886 -6.83 -6.66 9.95
N VAL A 887 -6.21 -7.38 9.02
CA VAL A 887 -6.07 -6.96 7.63
C VAL A 887 -6.86 -7.93 6.75
N PRO A 888 -7.61 -7.45 5.78
CA PRO A 888 -8.37 -8.35 4.90
C PRO A 888 -7.45 -9.34 4.21
N PRO A 889 -7.73 -10.63 4.37
CA PRO A 889 -6.86 -11.67 3.78
C PRO A 889 -6.73 -11.57 2.27
N PRO A 890 -7.78 -11.19 1.53
CA PRO A 890 -7.58 -11.00 0.08
C PRO A 890 -6.53 -9.95 -0.27
N LEU A 891 -6.46 -8.87 0.50
CA LEU A 891 -5.45 -7.85 0.25
C LEU A 891 -4.05 -8.42 0.45
N ALA A 892 -3.85 -9.17 1.54
CA ALA A 892 -2.55 -9.79 1.78
C ALA A 892 -2.21 -10.80 0.70
N PHE A 893 -3.22 -11.54 0.21
CA PHE A 893 -2.98 -12.49 -0.87
C PHE A 893 -2.54 -11.78 -2.14
N ALA A 894 -3.16 -10.63 -2.46
CA ALA A 894 -2.74 -9.87 -3.63
C ALA A 894 -1.32 -9.35 -3.48
N LEU A 895 -0.99 -8.82 -2.30
CA LEU A 895 0.38 -8.34 -2.07
C LEU A 895 1.38 -9.49 -2.17
N GLY A 896 1.04 -10.66 -1.64
CA GLY A 896 1.92 -11.80 -1.75
C GLY A 896 2.09 -12.27 -3.18
N ARG A 897 1.03 -12.21 -3.98
CA ARG A 897 1.15 -12.55 -5.39
C ARG A 897 2.12 -11.60 -6.09
N LYS A 898 2.01 -10.31 -5.80
CA LYS A 898 2.94 -9.34 -6.40
C LYS A 898 4.37 -9.62 -5.96
N LEU A 899 4.57 -9.93 -4.67
CA LEU A 899 5.90 -10.23 -4.17
C LEU A 899 6.49 -11.48 -4.82
N LYS A 900 5.66 -12.51 -5.02
CA LYS A 900 6.11 -13.72 -5.71
C LYS A 900 6.51 -13.42 -7.15
N GLU A 901 5.70 -12.61 -7.84
CA GLU A 901 6.03 -12.22 -9.20
C GLU A 901 7.37 -11.49 -9.24
N ALA A 902 7.60 -10.59 -8.29
CA ALA A 902 8.89 -9.90 -8.21
C ALA A 902 10.02 -10.87 -7.92
N LEU A 903 9.78 -11.86 -7.07
CA LEU A 903 10.82 -12.81 -6.69
C LEU A 903 11.24 -13.67 -7.88
N HIS A 904 10.29 -14.09 -8.71
CA HIS A 904 10.62 -14.90 -9.87
C HIS A 904 11.42 -14.14 -10.93
N LEU A 905 11.49 -12.81 -10.81
CA LEU A 905 12.18 -11.98 -11.79
C LEU A 905 13.60 -11.63 -11.37
N LYS A 906 14.09 -12.17 -10.27
CA LYS A 906 15.43 -11.86 -9.80
C LYS A 906 16.46 -12.56 -10.68
N LYS A 907 17.25 -11.77 -11.41
CA LYS A 907 18.21 -12.33 -12.34
C LYS A 907 19.39 -12.96 -11.60
N SER A 908 20.03 -13.92 -12.26
CA SER A 908 21.18 -14.58 -11.67
C SER A 908 22.36 -13.61 -11.58
N PRO A 909 23.23 -13.79 -10.57
CA PRO A 909 24.39 -12.91 -10.37
C PRO A 909 25.42 -13.01 -11.50
N1 5CM B 6 -18.89 13.00 21.32
C2 5CM B 6 -18.04 12.01 21.16
N3 5CM B 6 -18.45 10.79 20.86
C4 5CM B 6 -19.73 10.53 20.70
C5 5CM B 6 -20.64 11.56 20.87
C5A 5CM B 6 -22.13 11.29 20.69
C6 5CM B 6 -20.19 12.84 21.18
O2 5CM B 6 -16.88 12.20 21.30
N4 5CM B 6 -20.19 9.19 20.37
C1' 5CM B 6 -18.37 14.30 21.65
C2' 5CM B 6 -18.75 15.18 20.74
C3' 5CM B 6 -18.73 16.48 21.46
C4' 5CM B 6 -18.86 16.11 22.98
O4' 5CM B 6 -18.95 14.84 23.03
O3' 5CM B 6 -17.54 17.13 21.24
C5' 5CM B 6 -20.14 16.78 23.57
O5' 5CM B 6 -20.73 15.89 24.46
P 5CM B 6 -22.14 16.33 25.17
OP1 5CM B 6 -22.03 17.74 25.71
OP2 5CM B 6 -23.31 16.20 24.23
P A1BT7 C 6 -9.58 4.80 10.50
O1P A1BT7 C 6 -8.56 5.63 11.23
O2P A1BT7 C 6 -9.23 4.66 9.03
O5' A1BT7 C 6 -9.75 3.31 11.19
C5' A1BT7 C 6 -9.77 3.21 12.59
C4' A1BT7 C 6 -9.65 1.72 12.99
O4' A1BT7 C 6 -8.48 1.05 12.19
C3' A1BT7 C 6 -9.34 1.59 14.23
O3' A1BT7 C 6 -10.51 1.21 15.01
C2' A1BT7 C 6 -8.22 0.38 14.32
C1' A1BT7 C 6 -8.12 -0.12 13.11
N1 A1BT7 C 6 -6.78 -0.67 12.82
C2 A1BT7 C 6 -6.54 -1.25 11.45
O2 A1BT7 C 6 -7.41 -1.24 10.64
N3 A1BT7 C 6 -5.20 -1.85 11.08
C4 A1BT7 C 6 -4.14 -1.87 12.07
N4 A1BT7 C 6 -3.02 -2.36 11.78
C5 A1BT7 C 6 -4.39 -1.31 13.45
C6 A1BT7 C 6 -5.71 -0.67 13.80
CM5 A1BT7 C 6 -4.28 -2.60 14.43
F A1BT7 C 6 -3.35 -0.52 13.81
ZN ZN D . 19.94 12.59 -22.57
#